data_7JID
#
_entry.id   7JID
#
_cell.length_a   49.803
_cell.length_b   52.989
_cell.length_c   70.149
_cell.angle_alpha   81.940
_cell.angle_beta   88.680
_cell.angle_gamma   66.740
#
_symmetry.space_group_name_H-M   'P 1'
#
loop_
_entity.id
_entity.type
_entity.pdbx_description
1 polymer 'UDP-L-Rhamnose Synthase'
2 non-polymer '[[(2~{R},3~{S},4~{R},5~{R})-5-[2,4-bis(oxidanylidene)pyrimidin-1-yl]-3,4-bis(oxidanyl)oxolan-2-yl]methoxy-oxidanyl-phosphoryl] [(2~{R},3~{R},4~{R},5~{R},6~{S})-6-methyl-3,4,5-tris(oxidanyl)oxan-2-yl] hydrogen phosphate'
3 non-polymer 'NADP NICOTINAMIDE-ADENINE-DINUCLEOTIDE PHOSPHATE'
4 non-polymer 1,2-ETHANEDIOL
5 water water
#
_entity_poly.entity_id   1
_entity_poly.type   'polypeptide(L)'
_entity_poly.pdbx_seq_one_letter_code
;GGHMKWLIFGNKGWIGSMVSKILEQQGEQVVGAQSRADDESAVEREISEIKPDRVMSFIGRTHGPGYSTIDYLEQSGKLV
ENVKDNLYGPLCLAFICQKYNIHLTYLGTGCIFEGQNNFSADEKGFTENDKPNFFGSSYSVVKGFTDRLMHFFDNDVLNL
RIRMPITIEQNPRSFITKILSYSRICSIPNSMTILDQMIPVMIDMARNKTTGTFNFTNPGLVSHNEILSLIRDIHKPNLT
WENMSREQQLAILKADRSNNLLNTDKLQSLYPDVPDILTGIREVVSKMKFQQ
;
_entity_poly.pdbx_strand_id   A,B
#
loop_
_chem_comp.id
_chem_comp.type
_chem_comp.name
_chem_comp.formula
AWU non-polymer '[[(2~{R},3~{S},4~{R},5~{R})-5-[2,4-bis(oxidanylidene)pyrimidin-1-yl]-3,4-bis(oxidanyl)oxolan-2-yl]methoxy-oxidanyl-phosphoryl] [(2~{R},3~{R},4~{R},5~{R},6~{S})-6-methyl-3,4,5-tris(oxidanyl)oxan-2-yl] hydrogen phosphate' 'C15 H24 N2 O16 P2'
EDO non-polymer 1,2-ETHANEDIOL 'C2 H6 O2'
NAP non-polymer 'NADP NICOTINAMIDE-ADENINE-DINUCLEOTIDE PHOSPHATE' 'C21 H28 N7 O17 P3'
#
# COMPACT_ATOMS: atom_id res chain seq x y z
N MET A 4 -10.22 30.34 -11.05
CA MET A 4 -9.45 29.81 -9.86
C MET A 4 -8.10 29.22 -10.32
N LYS A 5 -7.28 28.81 -9.35
CA LYS A 5 -5.92 28.23 -9.57
C LYS A 5 -5.95 26.73 -9.28
N TRP A 6 -5.60 25.93 -10.28
CA TRP A 6 -5.69 24.45 -10.25
C TRP A 6 -4.28 23.86 -10.37
N LEU A 7 -3.83 23.18 -9.31
CA LEU A 7 -2.53 22.50 -9.33
C LEU A 7 -2.76 21.05 -9.79
N ILE A 8 -2.12 20.67 -10.88
CA ILE A 8 -2.38 19.35 -11.54
C ILE A 8 -1.12 18.50 -11.42
N PHE A 9 -1.27 17.36 -10.75
CA PHE A 9 -0.28 16.28 -10.73
C PHE A 9 -0.62 15.30 -11.86
N GLY A 10 0.37 14.92 -12.66
CA GLY A 10 0.13 14.10 -13.87
C GLY A 10 -0.30 14.96 -15.05
N ASN A 11 0.01 16.26 -15.03
CA ASN A 11 -0.52 17.15 -16.10
C ASN A 11 0.13 16.87 -17.46
N LYS A 12 1.23 16.11 -17.56
CA LYS A 12 1.87 15.70 -18.83
C LYS A 12 1.33 14.34 -19.26
N GLY A 13 0.54 13.70 -18.43
CA GLY A 13 0.01 12.38 -18.80
C GLY A 13 -1.12 12.49 -19.80
N TRP A 14 -1.63 11.34 -20.25
CA TRP A 14 -2.72 11.34 -21.25
C TRP A 14 -3.93 12.09 -20.70
N ILE A 15 -4.51 11.62 -19.58
CA ILE A 15 -5.72 12.24 -19.00
C ILE A 15 -5.38 13.62 -18.45
N GLY A 16 -4.27 13.76 -17.72
CA GLY A 16 -3.97 15.07 -17.12
C GLY A 16 -3.82 16.15 -18.15
N SER A 17 -3.18 15.87 -19.28
CA SER A 17 -3.04 16.80 -20.42
C SER A 17 -4.44 17.20 -20.91
N MET A 18 -5.36 16.24 -21.03
CA MET A 18 -6.71 16.51 -21.58
CA MET A 18 -6.69 16.54 -21.61
C MET A 18 -7.49 17.40 -20.64
N VAL A 19 -7.43 17.10 -19.36
CA VAL A 19 -8.14 17.90 -18.34
C VAL A 19 -7.54 19.31 -18.32
N SER A 20 -6.21 19.39 -18.27
CA SER A 20 -5.47 20.68 -18.27
CA SER A 20 -5.50 20.70 -18.25
C SER A 20 -6.01 21.57 -19.40
N LYS A 21 -6.06 21.02 -20.62
CA LYS A 21 -6.50 21.74 -21.84
C LYS A 21 -7.92 22.29 -21.66
N ILE A 22 -8.83 21.48 -21.12
CA ILE A 22 -10.24 21.89 -20.89
C ILE A 22 -10.30 22.96 -19.81
N LEU A 23 -9.53 22.86 -18.72
CA LEU A 23 -9.54 23.86 -17.63
C LEU A 23 -9.12 25.22 -18.22
N GLU A 24 -8.18 25.20 -19.16
CA GLU A 24 -7.56 26.41 -19.75
C GLU A 24 -8.54 27.04 -20.75
N GLN A 25 -9.25 26.22 -21.53
CA GLN A 25 -10.32 26.71 -22.46
C GLN A 25 -11.47 27.34 -21.64
N GLN A 26 -11.72 26.84 -20.43
CA GLN A 26 -12.77 27.35 -19.52
C GLN A 26 -12.31 28.65 -18.81
N GLY A 27 -11.09 29.12 -19.06
CA GLY A 27 -10.57 30.37 -18.47
C GLY A 27 -9.95 30.16 -17.11
N GLU A 28 -9.64 28.92 -16.72
CA GLU A 28 -9.00 28.66 -15.41
C GLU A 28 -7.48 28.77 -15.54
N GLN A 29 -6.81 29.05 -14.43
CA GLN A 29 -5.33 29.04 -14.34
C GLN A 29 -4.90 27.64 -13.92
N VAL A 30 -4.10 26.98 -14.75
CA VAL A 30 -3.59 25.61 -14.49
C VAL A 30 -2.09 25.71 -14.18
N VAL A 31 -1.68 25.11 -13.07
CA VAL A 31 -0.25 24.97 -12.67
C VAL A 31 0.08 23.49 -12.72
N GLY A 32 0.97 23.08 -13.63
CA GLY A 32 1.51 21.72 -13.63
C GLY A 32 2.42 21.53 -12.42
N ALA A 33 2.14 20.57 -11.55
CA ALA A 33 2.97 20.30 -10.35
C ALA A 33 4.38 19.93 -10.78
N GLN A 34 5.37 20.55 -10.15
CA GLN A 34 6.80 20.17 -10.33
C GLN A 34 7.20 19.06 -9.35
N SER A 35 6.49 18.88 -8.24
CA SER A 35 6.87 17.88 -7.21
C SER A 35 6.36 16.49 -7.62
N ARG A 36 7.10 15.45 -7.25
CA ARG A 36 6.66 14.04 -7.34
C ARG A 36 5.71 13.80 -6.16
N ALA A 37 4.59 13.14 -6.41
CA ALA A 37 3.53 13.01 -5.39
C ALA A 37 4.03 12.23 -4.17
N ASP A 38 4.96 11.31 -4.40
CA ASP A 38 5.58 10.48 -3.37
C ASP A 38 6.68 11.22 -2.59
N ASP A 39 7.02 12.43 -3.00
CA ASP A 39 8.04 13.27 -2.32
C ASP A 39 7.24 14.18 -1.38
N GLU A 40 6.71 13.64 -0.29
CA GLU A 40 5.70 14.36 0.52
C GLU A 40 6.24 15.73 0.94
N SER A 41 7.51 15.88 1.26
CA SER A 41 8.02 17.19 1.70
CA SER A 41 8.06 17.19 1.69
C SER A 41 8.01 18.19 0.53
N ALA A 42 8.37 17.77 -0.67
CA ALA A 42 8.32 18.65 -1.86
C ALA A 42 6.86 19.02 -2.19
N VAL A 43 5.93 18.07 -2.05
CA VAL A 43 4.49 18.32 -2.31
C VAL A 43 4.01 19.42 -1.35
N GLU A 44 4.33 19.29 -0.07
CA GLU A 44 3.81 20.27 0.92
C GLU A 44 4.46 21.63 0.64
N ARG A 45 5.73 21.68 0.29
CA ARG A 45 6.37 22.97 -0.08
C ARG A 45 5.64 23.55 -1.29
N GLU A 46 5.34 22.73 -2.30
CA GLU A 46 4.72 23.24 -3.56
C GLU A 46 3.31 23.76 -3.25
N ILE A 47 2.54 23.03 -2.48
CA ILE A 47 1.14 23.40 -2.14
C ILE A 47 1.15 24.65 -1.26
N SER A 48 2.08 24.73 -0.32
CA SER A 48 2.17 25.86 0.62
C SER A 48 2.53 27.14 -0.16
N GLU A 49 3.34 27.03 -1.21
CA GLU A 49 3.85 28.16 -2.02
C GLU A 49 2.82 28.55 -3.11
N ILE A 50 2.30 27.59 -3.85
CA ILE A 50 1.38 27.86 -4.99
C ILE A 50 0.01 28.35 -4.46
N LYS A 51 -0.47 27.81 -3.33
CA LYS A 51 -1.78 28.14 -2.70
C LYS A 51 -2.88 27.91 -3.72
N PRO A 52 -2.99 26.70 -4.31
CA PRO A 52 -4.01 26.47 -5.32
C PRO A 52 -5.38 26.42 -4.64
N ASP A 53 -6.44 26.69 -5.42
CA ASP A 53 -7.85 26.55 -5.00
C ASP A 53 -8.30 25.09 -5.13
N ARG A 54 -7.66 24.38 -6.05
CA ARG A 54 -8.03 22.97 -6.34
C ARG A 54 -6.73 22.24 -6.64
N VAL A 55 -6.65 20.98 -6.21
CA VAL A 55 -5.58 20.05 -6.64
C VAL A 55 -6.25 18.86 -7.34
N MET A 56 -5.63 18.40 -8.40
CA MET A 56 -6.10 17.16 -9.07
C MET A 56 -4.94 16.20 -9.27
N SER A 57 -5.25 14.92 -9.16
CA SER A 57 -4.29 13.80 -9.32
C SER A 57 -4.70 12.96 -10.53
N PHE A 58 -3.86 12.97 -11.55
CA PHE A 58 -3.95 12.09 -12.75
C PHE A 58 -2.71 11.24 -12.84
N ILE A 59 -2.27 10.69 -11.72
CA ILE A 59 -0.98 9.97 -11.67
C ILE A 59 -1.27 8.48 -11.52
N GLY A 60 -0.26 7.71 -11.90
CA GLY A 60 -0.20 6.27 -11.62
C GLY A 60 0.81 5.59 -12.51
N ARG A 61 0.96 4.31 -12.30
CA ARG A 61 1.95 3.50 -13.05
C ARG A 61 1.19 2.35 -13.67
N THR A 62 0.99 2.42 -14.98
CA THR A 62 -0.03 1.56 -15.68
C THR A 62 0.53 0.95 -16.96
N HIS A 63 1.78 1.22 -17.24
CA HIS A 63 2.51 0.77 -18.46
C HIS A 63 3.95 1.23 -18.30
N GLY A 64 4.80 0.75 -19.17
CA GLY A 64 6.21 1.17 -19.14
C GLY A 64 6.98 0.40 -20.18
N PRO A 65 8.32 0.48 -20.12
CA PRO A 65 9.18 -0.13 -21.14
C PRO A 65 8.86 -1.63 -21.30
N GLY A 66 8.55 -2.03 -22.53
CA GLY A 66 8.31 -3.45 -22.86
C GLY A 66 6.85 -3.83 -22.72
N TYR A 67 6.04 -3.04 -22.00
CA TYR A 67 4.65 -3.42 -21.67
C TYR A 67 3.72 -2.18 -21.73
N SER A 68 2.78 -2.14 -22.69
CA SER A 68 1.86 -1.01 -22.92
C SER A 68 0.62 -1.10 -22.01
N THR A 69 0.67 -2.03 -21.06
CA THR A 69 -0.50 -2.36 -20.20
C THR A 69 -0.03 -2.53 -18.75
N ILE A 70 -1.00 -2.76 -17.85
CA ILE A 70 -0.71 -3.02 -16.43
C ILE A 70 0.10 -4.29 -16.27
N ASP A 71 0.31 -5.07 -17.34
CA ASP A 71 1.20 -6.24 -17.22
C ASP A 71 2.60 -5.79 -16.77
N TYR A 72 2.94 -4.54 -17.03
CA TYR A 72 4.26 -3.91 -16.73
C TYR A 72 4.54 -4.18 -15.25
N LEU A 73 3.52 -4.06 -14.37
CA LEU A 73 3.72 -4.12 -12.90
C LEU A 73 3.96 -5.54 -12.40
N GLU A 74 3.81 -6.57 -13.23
CA GLU A 74 3.97 -7.97 -12.75
C GLU A 74 5.45 -8.39 -12.74
N GLN A 75 6.32 -7.61 -13.37
CA GLN A 75 7.77 -7.90 -13.46
C GLN A 75 8.45 -7.77 -12.08
N SER A 76 9.40 -8.64 -11.77
CA SER A 76 10.22 -8.54 -10.54
C SER A 76 10.85 -7.14 -10.46
N GLY A 77 10.72 -6.47 -9.32
CA GLY A 77 11.30 -5.13 -9.11
C GLY A 77 10.31 -4.02 -9.36
N LYS A 78 9.10 -4.33 -9.84
CA LYS A 78 8.13 -3.26 -10.15
C LYS A 78 7.15 -3.02 -9.02
N LEU A 79 7.08 -3.88 -8.02
CA LEU A 79 6.12 -3.66 -6.89
C LEU A 79 6.40 -2.28 -6.31
N VAL A 80 7.68 -1.93 -6.10
CA VAL A 80 7.99 -0.60 -5.49
C VAL A 80 7.37 0.52 -6.34
N GLU A 81 7.45 0.46 -7.68
CA GLU A 81 6.85 1.51 -8.53
C GLU A 81 5.32 1.48 -8.39
N ASN A 82 4.76 0.28 -8.32
CA ASN A 82 3.31 0.09 -8.16
C ASN A 82 2.88 0.81 -6.87
N VAL A 83 3.45 0.45 -5.72
CA VAL A 83 2.92 1.06 -4.46
C VAL A 83 3.24 2.56 -4.49
N LYS A 84 4.42 2.95 -4.97
CA LYS A 84 4.85 4.37 -4.95
C LYS A 84 3.80 5.21 -5.71
N ASP A 85 3.48 4.84 -6.95
CA ASP A 85 2.72 5.71 -7.84
C ASP A 85 1.23 5.49 -7.65
N ASN A 86 0.81 4.26 -7.33
CA ASN A 86 -0.62 3.87 -7.38
C ASN A 86 -1.23 3.89 -5.98
N LEU A 87 -0.42 4.05 -4.91
CA LEU A 87 -0.97 4.16 -3.54
C LEU A 87 -0.28 5.29 -2.80
N TYR A 88 1.03 5.16 -2.55
CA TYR A 88 1.73 6.14 -1.68
C TYR A 88 1.56 7.58 -2.16
N GLY A 89 1.89 7.90 -3.42
CA GLY A 89 1.77 9.27 -3.96
C GLY A 89 0.36 9.82 -3.73
N PRO A 90 -0.70 9.09 -4.17
CA PRO A 90 -2.06 9.56 -3.94
C PRO A 90 -2.38 9.81 -2.45
N LEU A 91 -1.89 8.98 -1.54
CA LEU A 91 -2.16 9.16 -0.10
C LEU A 91 -1.45 10.44 0.37
N CYS A 92 -0.23 10.72 -0.11
CA CYS A 92 0.54 11.94 0.26
C CYS A 92 -0.30 13.18 -0.13
N LEU A 93 -0.84 13.16 -1.35
CA LEU A 93 -1.73 14.24 -1.82
C LEU A 93 -2.96 14.36 -0.93
N ALA A 94 -3.59 13.24 -0.55
CA ALA A 94 -4.76 13.28 0.36
C ALA A 94 -4.37 13.93 1.69
N PHE A 95 -3.30 13.48 2.32
CA PHE A 95 -2.93 13.97 3.66
C PHE A 95 -2.66 15.46 3.58
N ILE A 96 -1.88 15.87 2.59
CA ILE A 96 -1.39 17.29 2.51
C ILE A 96 -2.53 18.18 2.05
N CYS A 97 -3.33 17.79 1.05
CA CYS A 97 -4.49 18.63 0.65
C CYS A 97 -5.44 18.81 1.84
N GLN A 98 -5.70 17.75 2.62
CA GLN A 98 -6.59 17.80 3.79
C GLN A 98 -6.03 18.80 4.79
N LYS A 99 -4.72 18.74 5.08
CA LYS A 99 -4.12 19.65 6.07
C LYS A 99 -4.35 21.09 5.66
N TYR A 100 -4.14 21.42 4.38
CA TYR A 100 -4.29 22.80 3.82
C TYR A 100 -5.77 23.12 3.49
N ASN A 101 -6.70 22.20 3.74
CA ASN A 101 -8.15 22.44 3.44
C ASN A 101 -8.32 22.78 1.96
N ILE A 102 -7.59 22.09 1.08
CA ILE A 102 -7.69 22.32 -0.38
C ILE A 102 -8.33 21.07 -1.00
N HIS A 103 -9.42 21.26 -1.73
CA HIS A 103 -10.15 20.12 -2.34
C HIS A 103 -9.20 19.37 -3.28
N LEU A 104 -9.20 18.04 -3.18
CA LEU A 104 -8.41 17.13 -4.05
C LEU A 104 -9.38 16.27 -4.85
N THR A 105 -9.16 16.22 -6.16
CA THR A 105 -9.75 15.20 -7.04
C THR A 105 -8.68 14.15 -7.30
N TYR A 106 -8.98 12.92 -6.91
CA TYR A 106 -8.16 11.73 -7.20
C TYR A 106 -8.86 10.91 -8.29
N LEU A 107 -8.21 10.79 -9.45
CA LEU A 107 -8.75 9.90 -10.52
C LEU A 107 -8.27 8.49 -10.26
N GLY A 108 -9.17 7.65 -9.70
CA GLY A 108 -8.88 6.26 -9.38
C GLY A 108 -9.41 5.33 -10.46
N THR A 109 -9.84 4.16 -10.02
CA THR A 109 -10.24 3.08 -10.92
C THR A 109 -11.38 2.28 -10.34
N GLY A 110 -12.26 1.81 -11.24
CA GLY A 110 -13.25 0.80 -10.87
C GLY A 110 -12.80 -0.60 -11.24
N CYS A 111 -11.53 -0.81 -11.64
CA CYS A 111 -10.99 -2.17 -11.95
C CYS A 111 -10.58 -2.89 -10.64
N ILE A 112 -11.43 -2.81 -9.61
CA ILE A 112 -11.19 -3.40 -8.27
C ILE A 112 -12.31 -4.38 -7.96
N PHE A 113 -13.25 -4.56 -8.90
CA PHE A 113 -14.38 -5.50 -8.72
C PHE A 113 -14.49 -6.44 -9.92
N GLU A 114 -15.11 -7.58 -9.66
CA GLU A 114 -15.41 -8.60 -10.69
CA GLU A 114 -15.41 -8.60 -10.68
C GLU A 114 -16.86 -9.05 -10.52
N GLY A 115 -17.65 -8.92 -11.58
CA GLY A 115 -18.98 -9.52 -11.66
C GLY A 115 -20.11 -8.53 -11.90
N GLN A 116 -21.35 -8.97 -11.63
CA GLN A 116 -22.59 -8.18 -11.79
C GLN A 116 -22.77 -7.67 -13.23
N ASN A 117 -22.10 -8.33 -14.20
CA ASN A 117 -22.06 -7.91 -15.61
C ASN A 117 -22.65 -9.02 -16.48
N ASN A 118 -23.61 -9.78 -15.96
CA ASN A 118 -24.19 -10.95 -16.65
C ASN A 118 -25.65 -10.62 -17.03
N PHE A 119 -26.14 -9.42 -16.73
CA PHE A 119 -27.52 -8.93 -16.99
C PHE A 119 -28.51 -9.73 -16.11
N SER A 120 -28.00 -10.40 -15.07
CA SER A 120 -28.83 -11.03 -14.01
C SER A 120 -29.82 -9.99 -13.48
N ALA A 121 -31.11 -10.31 -13.39
CA ALA A 121 -32.15 -9.31 -13.04
C ALA A 121 -32.02 -8.82 -11.60
N ASP A 122 -31.24 -9.49 -10.72
CA ASP A 122 -31.16 -9.11 -9.29
C ASP A 122 -29.84 -8.39 -8.96
N GLU A 123 -29.06 -7.99 -9.96
CA GLU A 123 -27.72 -7.42 -9.69
C GLU A 123 -27.63 -6.04 -10.36
N LYS A 124 -27.42 -5.02 -9.55
CA LYS A 124 -27.45 -3.60 -10.02
C LYS A 124 -26.03 -3.01 -10.09
N GLY A 125 -24.99 -3.80 -9.80
CA GLY A 125 -23.59 -3.34 -9.97
C GLY A 125 -22.92 -3.00 -8.66
N PHE A 126 -21.60 -2.91 -8.65
CA PHE A 126 -20.83 -2.57 -7.44
C PHE A 126 -21.09 -1.11 -7.10
N THR A 127 -21.30 -0.87 -5.81
CA THR A 127 -21.55 0.49 -5.28
C THR A 127 -20.25 1.15 -4.79
N GLU A 128 -20.38 2.42 -4.45
CA GLU A 128 -19.27 3.24 -3.92
C GLU A 128 -18.82 2.65 -2.59
N ASN A 129 -19.76 2.11 -1.81
CA ASN A 129 -19.44 1.54 -0.47
C ASN A 129 -18.84 0.14 -0.55
N ASP A 130 -18.95 -0.56 -1.68
CA ASP A 130 -18.55 -1.97 -1.84
C ASP A 130 -17.02 -2.06 -1.72
N LYS A 131 -16.57 -3.12 -1.07
CA LYS A 131 -15.12 -3.41 -0.94
CA LYS A 131 -15.12 -3.38 -0.95
C LYS A 131 -14.64 -4.09 -2.22
N PRO A 132 -13.36 -3.95 -2.58
CA PRO A 132 -12.80 -4.71 -3.71
C PRO A 132 -13.05 -6.22 -3.58
N ASN A 133 -13.34 -6.86 -4.71
CA ASN A 133 -13.44 -8.32 -4.76
C ASN A 133 -12.69 -8.87 -5.97
N PHE A 134 -11.90 -8.05 -6.66
CA PHE A 134 -11.03 -8.53 -7.76
C PHE A 134 -9.56 -8.34 -7.38
N PHE A 135 -8.80 -9.43 -7.45
CA PHE A 135 -7.40 -9.43 -6.98
C PHE A 135 -6.49 -10.03 -8.03
N GLY A 136 -6.92 -10.04 -9.31
CA GLY A 136 -6.23 -10.82 -10.36
C GLY A 136 -5.13 -10.11 -11.10
N SER A 137 -4.85 -8.85 -10.77
CA SER A 137 -3.65 -8.15 -11.28
C SER A 137 -3.03 -7.43 -10.08
N SER A 138 -1.74 -7.17 -10.12
CA SER A 138 -1.04 -6.43 -9.04
C SER A 138 -1.56 -4.99 -9.01
N TYR A 139 -1.82 -4.43 -10.20
CA TYR A 139 -2.45 -3.08 -10.35
C TYR A 139 -3.76 -3.04 -9.57
N SER A 140 -4.62 -4.02 -9.83
CA SER A 140 -5.99 -4.01 -9.27
C SER A 140 -5.90 -4.17 -7.75
N VAL A 141 -4.95 -4.98 -7.30
CA VAL A 141 -4.76 -5.24 -5.85
C VAL A 141 -4.37 -3.93 -5.15
N VAL A 142 -3.36 -3.26 -5.65
CA VAL A 142 -2.85 -2.03 -5.02
C VAL A 142 -3.92 -0.95 -5.10
N LYS A 143 -4.55 -0.76 -6.27
CA LYS A 143 -5.60 0.26 -6.49
C LYS A 143 -6.81 -0.01 -5.61
N GLY A 144 -7.12 -1.26 -5.34
CA GLY A 144 -8.21 -1.59 -4.43
C GLY A 144 -7.93 -1.01 -3.08
N PHE A 145 -6.71 -1.20 -2.56
CA PHE A 145 -6.37 -0.62 -1.25
C PHE A 145 -6.36 0.91 -1.34
N THR A 146 -5.83 1.50 -2.41
CA THR A 146 -5.90 2.98 -2.52
C THR A 146 -7.36 3.44 -2.44
N ASP A 147 -8.25 2.72 -3.05
CA ASP A 147 -9.67 3.12 -3.10
C ASP A 147 -10.23 3.05 -1.67
N ARG A 148 -9.93 2.00 -0.94
CA ARG A 148 -10.41 1.88 0.45
C ARG A 148 -9.81 3.03 1.25
N LEU A 149 -8.52 3.30 1.10
CA LEU A 149 -7.85 4.33 1.93
C LEU A 149 -8.48 5.68 1.65
N MET A 150 -8.96 5.90 0.44
CA MET A 150 -9.56 7.22 0.08
C MET A 150 -10.88 7.44 0.85
N HIS A 151 -11.52 6.37 1.31
CA HIS A 151 -12.79 6.47 2.06
C HIS A 151 -12.51 7.11 3.42
N PHE A 152 -11.28 7.07 3.92
CA PHE A 152 -10.89 7.79 5.16
C PHE A 152 -10.80 9.31 4.93
N PHE A 153 -10.94 9.78 3.69
CA PHE A 153 -10.89 11.20 3.30
C PHE A 153 -12.21 11.62 2.62
N ASP A 154 -13.32 11.06 3.07
CA ASP A 154 -14.62 11.20 2.37
C ASP A 154 -15.08 12.66 2.30
N ASN A 155 -14.68 13.52 3.24
CA ASN A 155 -15.14 14.94 3.24
C ASN A 155 -14.12 15.87 2.59
N ASP A 156 -12.98 15.36 2.14
CA ASP A 156 -11.83 16.16 1.68
C ASP A 156 -11.40 15.77 0.28
N VAL A 157 -11.69 14.55 -0.14
CA VAL A 157 -11.17 14.06 -1.45
C VAL A 157 -12.32 13.53 -2.31
N LEU A 158 -12.29 13.88 -3.57
CA LEU A 158 -13.19 13.31 -4.59
C LEU A 158 -12.46 12.11 -5.22
N ASN A 159 -12.96 10.91 -5.01
CA ASN A 159 -12.37 9.65 -5.52
C ASN A 159 -13.24 9.16 -6.69
N LEU A 160 -12.76 9.33 -7.91
CA LEU A 160 -13.56 8.98 -9.10
C LEU A 160 -13.05 7.64 -9.68
N ARG A 161 -13.93 6.65 -9.71
CA ARG A 161 -13.57 5.34 -10.31
C ARG A 161 -13.91 5.27 -11.79
N ILE A 162 -12.92 5.52 -12.67
CA ILE A 162 -13.11 5.34 -14.12
C ILE A 162 -12.72 3.91 -14.47
N ARG A 163 -13.18 3.46 -15.60
CA ARG A 163 -12.71 2.19 -16.17
C ARG A 163 -12.52 2.32 -17.66
N MET A 164 -11.57 1.56 -18.20
CA MET A 164 -11.44 1.36 -19.66
C MET A 164 -11.71 2.67 -20.41
N PRO A 165 -10.98 3.75 -20.06
CA PRO A 165 -11.29 5.05 -20.63
C PRO A 165 -11.14 5.13 -22.16
N ILE A 166 -12.09 5.81 -22.80
CA ILE A 166 -12.22 5.96 -24.28
C ILE A 166 -12.17 7.44 -24.65
N THR A 167 -11.43 7.77 -25.69
CA THR A 167 -11.51 9.11 -26.32
C THR A 167 -11.89 8.95 -27.80
N ILE A 168 -12.51 9.97 -28.35
CA ILE A 168 -12.81 10.09 -29.80
C ILE A 168 -11.47 10.07 -30.54
N GLU A 169 -10.54 10.88 -30.08
CA GLU A 169 -9.18 10.89 -30.69
C GLU A 169 -8.51 9.54 -30.39
N GLN A 170 -7.89 8.91 -31.38
CA GLN A 170 -7.15 7.64 -31.19
C GLN A 170 -5.90 7.93 -30.34
N ASN A 171 -5.54 7.02 -29.43
CA ASN A 171 -4.36 7.19 -28.54
C ASN A 171 -3.97 5.80 -28.06
N PRO A 172 -2.65 5.50 -27.88
CA PRO A 172 -2.23 4.19 -27.37
C PRO A 172 -2.92 3.80 -26.07
N ARG A 173 -3.34 4.78 -25.28
CA ARG A 173 -3.98 4.56 -23.95
C ARG A 173 -5.50 4.31 -24.09
N SER A 174 -6.13 4.75 -25.19
CA SER A 174 -7.60 4.72 -25.38
C SER A 174 -8.07 3.28 -25.63
N PHE A 175 -9.09 2.85 -24.90
CA PHE A 175 -9.58 1.45 -24.96
C PHE A 175 -9.87 1.05 -26.42
N ILE A 176 -10.55 1.89 -27.20
CA ILE A 176 -10.93 1.54 -28.60
C ILE A 176 -9.65 1.39 -29.42
N THR A 177 -8.70 2.31 -29.30
CA THR A 177 -7.41 2.16 -30.04
C THR A 177 -6.80 0.80 -29.70
N LYS A 178 -6.75 0.49 -28.42
CA LYS A 178 -6.13 -0.77 -27.96
C LYS A 178 -6.87 -1.95 -28.59
N ILE A 179 -8.20 -2.03 -28.50
CA ILE A 179 -8.87 -3.29 -28.93
C ILE A 179 -8.80 -3.42 -30.46
N LEU A 180 -8.69 -2.31 -31.19
CA LEU A 180 -8.51 -2.33 -32.66
C LEU A 180 -7.15 -2.98 -32.97
N SER A 181 -6.21 -2.90 -32.03
CA SER A 181 -4.80 -3.34 -32.28
C SER A 181 -4.64 -4.82 -31.93
N TYR A 182 -5.59 -5.42 -31.23
CA TYR A 182 -5.41 -6.75 -30.61
C TYR A 182 -5.84 -7.85 -31.60
N SER A 183 -4.96 -8.81 -31.86
CA SER A 183 -5.17 -9.98 -32.74
C SER A 183 -6.42 -10.75 -32.31
N ARG A 184 -6.62 -10.94 -31.00
CA ARG A 184 -7.78 -11.68 -30.46
C ARG A 184 -8.44 -10.83 -29.38
N ILE A 185 -9.77 -10.91 -29.34
CA ILE A 185 -10.62 -10.05 -28.48
C ILE A 185 -11.30 -10.96 -27.48
N CYS A 186 -11.13 -10.65 -26.20
CA CYS A 186 -11.88 -11.26 -25.11
C CYS A 186 -13.11 -10.39 -24.87
N SER A 187 -14.26 -10.71 -25.50
CA SER A 187 -15.45 -9.82 -25.44
C SER A 187 -16.24 -10.09 -24.16
N ILE A 188 -16.36 -9.08 -23.31
CA ILE A 188 -17.11 -9.20 -22.03
C ILE A 188 -17.80 -7.86 -21.77
N PRO A 189 -19.11 -7.85 -21.42
CA PRO A 189 -19.81 -6.60 -21.07
C PRO A 189 -19.12 -5.92 -19.88
N ASN A 190 -18.98 -4.60 -19.95
CA ASN A 190 -18.23 -3.86 -18.93
C ASN A 190 -18.70 -2.42 -18.83
N SER A 191 -18.55 -1.85 -17.64
CA SER A 191 -18.69 -0.41 -17.39
C SER A 191 -17.44 0.27 -17.90
N MET A 192 -17.62 1.33 -18.69
CA MET A 192 -16.50 2.08 -19.30
C MET A 192 -16.78 3.58 -19.21
N THR A 193 -15.73 4.37 -19.37
CA THR A 193 -15.74 5.84 -19.20
C THR A 193 -15.39 6.49 -20.53
N ILE A 194 -16.34 7.25 -21.11
CA ILE A 194 -16.04 8.08 -22.29
C ILE A 194 -15.52 9.44 -21.80
N LEU A 195 -14.21 9.66 -21.93
CA LEU A 195 -13.58 10.83 -21.28
C LEU A 195 -14.08 12.11 -21.93
N ASP A 196 -14.37 12.12 -23.24
CA ASP A 196 -14.89 13.34 -23.89
C ASP A 196 -16.17 13.81 -23.20
N GLN A 197 -17.01 12.87 -22.77
CA GLN A 197 -18.30 13.14 -22.12
C GLN A 197 -18.13 13.40 -20.63
N MET A 198 -17.19 12.75 -19.97
CA MET A 198 -17.24 12.74 -18.49
CA MET A 198 -17.13 12.64 -18.49
C MET A 198 -16.15 13.66 -17.90
N ILE A 199 -15.17 14.11 -18.69
CA ILE A 199 -14.16 15.06 -18.15
C ILE A 199 -14.89 16.34 -17.71
N PRO A 200 -15.81 16.90 -18.53
CA PRO A 200 -16.54 18.08 -18.08
C PRO A 200 -17.29 17.89 -16.76
N VAL A 201 -17.86 16.71 -16.56
CA VAL A 201 -18.57 16.38 -15.31
C VAL A 201 -17.55 16.39 -14.17
N MET A 202 -16.38 15.78 -14.38
CA MET A 202 -15.36 15.67 -13.32
C MET A 202 -14.95 17.09 -12.92
N ILE A 203 -14.70 17.94 -13.91
CA ILE A 203 -14.30 19.37 -13.67
C ILE A 203 -15.43 20.06 -12.88
N ASP A 204 -16.69 19.84 -13.29
CA ASP A 204 -17.84 20.46 -12.59
C ASP A 204 -17.83 20.05 -11.12
N MET A 205 -17.73 18.75 -10.83
CA MET A 205 -17.66 18.21 -9.47
C MET A 205 -16.52 18.85 -8.64
N ALA A 206 -15.32 19.01 -9.21
CA ALA A 206 -14.13 19.60 -8.56
C ALA A 206 -14.42 21.12 -8.35
N ARG A 207 -14.99 21.77 -9.35
CA ARG A 207 -15.40 23.19 -9.18
C ARG A 207 -16.34 23.32 -7.99
N ASN A 208 -17.27 22.37 -7.84
CA ASN A 208 -18.31 22.42 -6.79
C ASN A 208 -17.80 21.97 -5.42
N LYS A 209 -16.58 21.45 -5.35
CA LYS A 209 -15.94 20.88 -4.13
C LYS A 209 -16.75 19.65 -3.70
N THR A 210 -17.39 18.94 -4.64
CA THR A 210 -18.06 17.66 -4.34
C THR A 210 -16.96 16.71 -3.83
N THR A 211 -17.23 15.93 -2.79
CA THR A 211 -16.23 14.99 -2.23
C THR A 211 -16.86 13.61 -2.13
N GLY A 212 -16.03 12.61 -1.81
CA GLY A 212 -16.52 11.24 -1.64
C GLY A 212 -16.10 10.34 -2.79
N THR A 213 -16.56 9.12 -2.77
CA THR A 213 -16.30 8.15 -3.85
C THR A 213 -17.47 8.22 -4.84
N PHE A 214 -17.18 8.18 -6.14
CA PHE A 214 -18.19 8.05 -7.21
C PHE A 214 -17.68 7.03 -8.21
N ASN A 215 -18.51 6.05 -8.52
CA ASN A 215 -18.37 5.26 -9.77
C ASN A 215 -18.54 6.25 -10.93
N PHE A 216 -17.61 6.24 -11.85
CA PHE A 216 -17.43 7.32 -12.83
C PHE A 216 -17.27 6.69 -14.21
N THR A 217 -18.23 5.84 -14.53
CA THR A 217 -18.43 5.25 -15.87
C THR A 217 -19.75 5.73 -16.45
N ASN A 218 -19.91 5.69 -17.77
CA ASN A 218 -21.22 5.95 -18.42
C ASN A 218 -22.18 4.87 -17.94
N PRO A 219 -23.45 5.22 -17.71
CA PRO A 219 -24.40 4.20 -17.28
C PRO A 219 -24.44 2.98 -18.21
N GLY A 220 -24.56 1.80 -17.63
CA GLY A 220 -24.77 0.56 -18.39
C GLY A 220 -23.48 -0.11 -18.85
N LEU A 221 -23.68 -1.19 -19.60
CA LEU A 221 -22.62 -2.11 -20.05
C LEU A 221 -22.50 -2.13 -21.56
N VAL A 222 -21.28 -2.26 -22.04
CA VAL A 222 -20.98 -2.49 -23.45
C VAL A 222 -19.90 -3.55 -23.52
N SER A 223 -19.91 -4.33 -24.58
CA SER A 223 -18.84 -5.34 -24.81
C SER A 223 -17.91 -4.88 -25.91
N HIS A 224 -16.77 -5.53 -25.94
CA HIS A 224 -15.77 -5.33 -27.02
C HIS A 224 -16.47 -5.63 -28.35
N ASN A 225 -17.24 -6.72 -28.42
CA ASN A 225 -17.90 -7.07 -29.68
C ASN A 225 -18.87 -5.98 -30.08
N GLU A 226 -19.62 -5.40 -29.15
CA GLU A 226 -20.60 -4.35 -29.54
C GLU A 226 -19.84 -3.14 -30.12
N ILE A 227 -18.70 -2.77 -29.53
CA ILE A 227 -17.88 -1.62 -29.99
C ILE A 227 -17.30 -1.92 -31.37
N LEU A 228 -16.73 -3.10 -31.58
CA LEU A 228 -16.10 -3.41 -32.89
C LEU A 228 -17.23 -3.49 -33.92
N SER A 229 -18.37 -4.06 -33.56
CA SER A 229 -19.56 -4.12 -34.47
C SER A 229 -20.00 -2.70 -34.89
N LEU A 230 -20.00 -1.70 -33.99
CA LEU A 230 -20.33 -0.30 -34.42
C LEU A 230 -19.29 0.24 -35.38
N ILE A 231 -18.02 -0.02 -35.13
CA ILE A 231 -16.96 0.51 -36.02
C ILE A 231 -17.17 -0.13 -37.40
N ARG A 232 -17.46 -1.43 -37.42
CA ARG A 232 -17.68 -2.16 -38.69
C ARG A 232 -18.90 -1.57 -39.41
N ASP A 233 -20.01 -1.45 -38.69
CA ASP A 233 -21.33 -1.12 -39.28
C ASP A 233 -21.44 0.37 -39.62
N ILE A 234 -20.67 1.25 -38.99
CA ILE A 234 -20.67 2.71 -39.29
C ILE A 234 -19.61 3.03 -40.34
N HIS A 235 -18.40 2.49 -40.23
CA HIS A 235 -17.24 2.93 -41.06
C HIS A 235 -16.59 1.83 -41.90
N LYS A 236 -16.43 0.63 -41.35
CA LYS A 236 -15.46 -0.39 -41.85
C LYS A 236 -16.17 -1.72 -42.13
N PRO A 237 -16.89 -1.84 -43.26
CA PRO A 237 -17.66 -3.06 -43.53
C PRO A 237 -16.82 -4.34 -43.65
N ASN A 238 -15.53 -4.19 -43.93
CA ASN A 238 -14.56 -5.30 -44.08
C ASN A 238 -14.11 -5.79 -42.68
N LEU A 239 -14.38 -5.03 -41.61
CA LEU A 239 -13.73 -5.27 -40.30
C LEU A 239 -14.21 -6.62 -39.77
N THR A 240 -13.25 -7.46 -39.37
CA THR A 240 -13.48 -8.78 -38.75
C THR A 240 -12.43 -8.93 -37.63
N TRP A 241 -12.75 -9.77 -36.66
CA TRP A 241 -11.85 -10.05 -35.54
C TRP A 241 -12.09 -11.47 -35.03
N GLU A 242 -11.07 -12.02 -34.36
CA GLU A 242 -11.16 -13.33 -33.68
C GLU A 242 -11.47 -13.12 -32.20
N ASN A 243 -12.40 -13.90 -31.65
CA ASN A 243 -12.71 -13.88 -30.21
C ASN A 243 -11.85 -14.93 -29.51
N MET A 244 -11.56 -14.68 -28.25
CA MET A 244 -10.95 -15.68 -27.35
C MET A 244 -11.65 -15.60 -26.02
N SER A 245 -11.53 -16.65 -25.23
CA SER A 245 -12.15 -16.77 -23.89
C SER A 245 -11.26 -16.09 -22.85
N ARG A 246 -11.84 -15.79 -21.68
CA ARG A 246 -11.10 -15.29 -20.47
C ARG A 246 -9.88 -16.18 -20.17
N GLU A 247 -10.05 -17.51 -20.26
CA GLU A 247 -9.00 -18.53 -19.97
C GLU A 247 -7.89 -18.46 -21.04
N GLN A 248 -8.25 -18.38 -22.32
CA GLN A 248 -7.26 -18.18 -23.41
C GLN A 248 -6.47 -16.90 -23.15
N GLN A 249 -7.17 -15.81 -22.77
CA GLN A 249 -6.50 -14.52 -22.53
C GLN A 249 -5.54 -14.62 -21.33
N LEU A 250 -5.97 -15.24 -20.23
CA LEU A 250 -5.17 -15.37 -18.99
C LEU A 250 -3.82 -15.98 -19.36
N ALA A 251 -3.80 -16.92 -20.31
CA ALA A 251 -2.57 -17.67 -20.64
C ALA A 251 -1.54 -16.81 -21.36
N ILE A 252 -1.97 -15.77 -22.07
CA ILE A 252 -1.05 -14.98 -22.92
C ILE A 252 -0.76 -13.63 -22.27
N LEU A 253 -1.45 -13.27 -21.17
CA LEU A 253 -1.14 -12.00 -20.45
C LEU A 253 -0.36 -12.32 -19.16
N LYS A 254 0.31 -11.32 -18.55
CA LYS A 254 1.02 -11.56 -17.27
C LYS A 254 0.05 -11.49 -16.08
N ALA A 255 -1.17 -11.00 -16.29
CA ALA A 255 -2.14 -10.84 -15.20
C ALA A 255 -3.54 -10.98 -15.81
N ASP A 256 -4.52 -11.24 -14.97
CA ASP A 256 -5.95 -11.21 -15.37
C ASP A 256 -6.43 -9.75 -15.49
N ARG A 257 -7.69 -9.61 -15.91
CA ARG A 257 -8.33 -8.29 -16.13
C ARG A 257 -9.67 -8.26 -15.40
N SER A 258 -9.97 -7.10 -14.83
CA SER A 258 -11.22 -6.82 -14.10
C SER A 258 -12.38 -6.72 -15.12
N ASN A 259 -13.50 -7.35 -14.82
CA ASN A 259 -14.73 -7.24 -15.64
C ASN A 259 -15.89 -7.01 -14.68
N ASN A 260 -16.67 -5.94 -14.84
CA ASN A 260 -17.74 -5.64 -13.86
C ASN A 260 -18.74 -4.66 -14.48
N LEU A 261 -19.86 -4.55 -13.79
CA LEU A 261 -20.79 -3.39 -13.80
C LEU A 261 -20.57 -2.57 -12.54
N LEU A 262 -20.41 -1.27 -12.70
CA LEU A 262 -20.53 -0.31 -11.58
C LEU A 262 -21.94 0.26 -11.55
N ASN A 263 -22.51 0.26 -10.34
CA ASN A 263 -23.77 0.99 -10.10
C ASN A 263 -23.48 2.49 -10.14
N THR A 264 -24.09 3.20 -11.07
CA THR A 264 -23.82 4.65 -11.19
C THR A 264 -25.01 5.49 -10.72
N ASP A 265 -25.89 4.96 -9.88
CA ASP A 265 -27.03 5.74 -9.37
C ASP A 265 -26.53 7.01 -8.68
N LYS A 266 -25.43 6.91 -7.94
CA LYS A 266 -24.97 8.08 -7.18
C LYS A 266 -24.62 9.21 -8.15
N LEU A 267 -23.81 8.95 -9.19
CA LEU A 267 -23.43 9.97 -10.19
C LEU A 267 -24.71 10.44 -10.89
N GLN A 268 -25.60 9.50 -11.27
CA GLN A 268 -26.83 9.86 -12.05
C GLN A 268 -27.72 10.82 -11.25
N SER A 269 -27.69 10.76 -9.91
CA SER A 269 -28.47 11.64 -9.01
C SER A 269 -28.03 13.08 -9.21
N LEU A 270 -26.78 13.30 -9.62
CA LEU A 270 -26.22 14.66 -9.78
C LEU A 270 -26.14 15.05 -11.24
N TYR A 271 -25.93 14.09 -12.14
CA TYR A 271 -25.66 14.34 -13.56
C TYR A 271 -26.52 13.37 -14.35
N PRO A 272 -27.82 13.65 -14.46
CA PRO A 272 -28.74 12.75 -15.18
C PRO A 272 -28.56 12.73 -16.71
N ASP A 273 -27.80 13.62 -17.33
CA ASP A 273 -27.72 13.67 -18.82
C ASP A 273 -26.49 12.91 -19.32
N VAL A 274 -25.69 12.29 -18.43
CA VAL A 274 -24.55 11.47 -18.94
C VAL A 274 -25.16 10.35 -19.76
N PRO A 275 -24.77 10.20 -21.04
CA PRO A 275 -25.38 9.21 -21.92
C PRO A 275 -25.09 7.77 -21.45
N ASP A 276 -26.04 6.87 -21.63
CA ASP A 276 -25.73 5.43 -21.46
C ASP A 276 -24.56 5.11 -22.39
N ILE A 277 -23.75 4.13 -22.01
CA ILE A 277 -22.49 3.80 -22.69
C ILE A 277 -22.72 3.47 -24.19
N LEU A 278 -23.82 2.83 -24.57
CA LEU A 278 -24.01 2.44 -26.00
C LEU A 278 -24.38 3.68 -26.85
N THR A 279 -25.27 4.53 -26.37
CA THR A 279 -25.54 5.86 -27.00
C THR A 279 -24.22 6.61 -27.10
N GLY A 280 -23.43 6.63 -26.02
CA GLY A 280 -22.16 7.39 -26.01
C GLY A 280 -21.17 6.81 -26.98
N ILE A 281 -21.01 5.48 -27.07
CA ILE A 281 -20.05 4.83 -28.00
C ILE A 281 -20.53 5.08 -29.42
N ARG A 282 -21.81 4.94 -29.70
CA ARG A 282 -22.33 5.24 -31.07
CA ARG A 282 -22.28 5.21 -31.09
C ARG A 282 -21.85 6.64 -31.47
N GLU A 283 -22.00 7.58 -30.56
CA GLU A 283 -21.60 9.00 -30.81
C GLU A 283 -20.09 9.01 -31.09
N VAL A 284 -19.27 8.42 -30.21
CA VAL A 284 -17.79 8.40 -30.35
C VAL A 284 -17.39 7.80 -31.69
N VAL A 285 -17.87 6.61 -32.00
CA VAL A 285 -17.49 5.91 -33.27
C VAL A 285 -17.90 6.77 -34.47
N SER A 286 -19.06 7.41 -34.44
CA SER A 286 -19.56 8.23 -35.58
C SER A 286 -18.56 9.34 -35.90
N LYS A 287 -17.83 9.84 -34.89
CA LYS A 287 -16.94 11.01 -34.98
C LYS A 287 -15.46 10.61 -35.20
N MET A 288 -15.14 9.33 -35.08
CA MET A 288 -13.76 8.80 -35.02
C MET A 288 -13.10 8.86 -36.39
N LYS A 289 -11.83 9.24 -36.41
CA LYS A 289 -10.87 9.00 -37.51
C LYS A 289 -10.09 7.71 -37.29
N PHE A 290 -9.64 7.09 -38.37
CA PHE A 290 -8.78 5.87 -38.36
C PHE A 290 -7.49 6.16 -39.12
N GLY B 2 -1.06 4.19 37.25
CA GLY B 2 -2.11 3.18 37.59
C GLY B 2 -2.35 2.20 36.45
N HIS B 3 -3.17 1.18 36.69
CA HIS B 3 -3.45 0.09 35.73
C HIS B 3 -4.48 0.54 34.70
N MET B 4 -4.40 0.00 33.48
CA MET B 4 -5.15 0.51 32.30
C MET B 4 -5.71 -0.66 31.49
N LYS B 5 -6.60 -0.34 30.55
CA LYS B 5 -7.20 -1.30 29.58
C LYS B 5 -6.55 -1.15 28.20
N TRP B 6 -5.99 -2.25 27.71
CA TRP B 6 -5.15 -2.29 26.48
C TRP B 6 -5.82 -3.17 25.45
N LEU B 7 -6.12 -2.66 24.25
CA LEU B 7 -6.67 -3.50 23.16
C LEU B 7 -5.51 -3.90 22.24
N ILE B 8 -5.30 -5.19 22.07
CA ILE B 8 -4.13 -5.81 21.37
C ILE B 8 -4.62 -6.50 20.11
N PHE B 9 -4.22 -5.96 18.95
CA PHE B 9 -4.27 -6.66 17.64
C PHE B 9 -3.00 -7.53 17.51
N GLY B 10 -3.21 -8.76 17.05
CA GLY B 10 -2.16 -9.81 16.97
C GLY B 10 -1.88 -10.44 18.33
N ASN B 11 -2.87 -10.44 19.21
CA ASN B 11 -2.77 -10.98 20.60
C ASN B 11 -2.38 -12.48 20.60
N LYS B 12 -2.64 -13.23 19.53
CA LYS B 12 -2.32 -14.67 19.44
C LYS B 12 -1.00 -14.92 18.70
N GLY B 13 -0.38 -13.88 18.17
CA GLY B 13 0.89 -14.01 17.44
C GLY B 13 2.04 -14.22 18.42
N TRP B 14 3.23 -14.47 17.89
CA TRP B 14 4.43 -14.76 18.70
C TRP B 14 4.73 -13.57 19.60
N ILE B 15 4.94 -12.39 19.00
CA ILE B 15 5.23 -11.17 19.78
C ILE B 15 4.01 -10.70 20.55
N GLY B 16 2.82 -10.72 19.95
CA GLY B 16 1.64 -10.17 20.60
C GLY B 16 1.32 -10.91 21.90
N SER B 17 1.43 -12.23 21.88
CA SER B 17 1.08 -13.09 23.04
C SER B 17 2.13 -12.88 24.12
N MET B 18 3.39 -12.65 23.71
CA MET B 18 4.49 -12.37 24.66
C MET B 18 4.18 -11.03 25.35
N VAL B 19 3.77 -10.02 24.59
CA VAL B 19 3.49 -8.67 25.16
C VAL B 19 2.24 -8.76 26.05
N SER B 20 1.24 -9.50 25.60
CA SER B 20 -0.03 -9.66 26.36
C SER B 20 0.27 -10.20 27.76
N LYS B 21 1.03 -11.30 27.83
CA LYS B 21 1.41 -12.02 29.07
C LYS B 21 2.12 -11.03 30.00
N ILE B 22 3.05 -10.25 29.46
CA ILE B 22 3.83 -9.26 30.24
C ILE B 22 2.91 -8.17 30.76
N LEU B 23 1.97 -7.63 29.95
CA LEU B 23 1.06 -6.56 30.44
C LEU B 23 0.21 -7.12 31.57
N GLU B 24 -0.12 -8.42 31.48
CA GLU B 24 -1.00 -9.08 32.47
C GLU B 24 -0.19 -9.25 33.76
N GLN B 25 1.05 -9.72 33.64
CA GLN B 25 2.01 -9.83 34.77
C GLN B 25 2.15 -8.46 35.45
N GLN B 26 2.10 -7.35 34.70
CA GLN B 26 2.21 -5.99 35.25
C GLN B 26 0.88 -5.52 35.87
N GLY B 27 -0.17 -6.34 35.81
CA GLY B 27 -1.47 -6.05 36.46
C GLY B 27 -2.38 -5.19 35.59
N GLU B 28 -2.13 -5.14 34.27
CA GLU B 28 -3.05 -4.47 33.32
C GLU B 28 -4.16 -5.43 32.91
N GLN B 29 -5.25 -4.85 32.44
CA GLN B 29 -6.33 -5.55 31.71
C GLN B 29 -6.01 -5.56 30.21
N VAL B 30 -5.88 -6.74 29.62
CA VAL B 30 -5.56 -6.93 28.18
C VAL B 30 -6.81 -7.51 27.50
N VAL B 31 -7.32 -6.80 26.50
CA VAL B 31 -8.36 -7.35 25.59
C VAL B 31 -7.71 -7.69 24.25
N GLY B 32 -7.74 -8.97 23.90
CA GLY B 32 -7.43 -9.46 22.55
C GLY B 32 -8.47 -8.98 21.56
N ALA B 33 -8.06 -8.26 20.51
CA ALA B 33 -8.99 -7.68 19.51
C ALA B 33 -9.73 -8.81 18.78
N GLN B 34 -11.05 -8.65 18.57
CA GLN B 34 -11.87 -9.62 17.81
C GLN B 34 -11.85 -9.25 16.34
N SER B 35 -11.78 -7.95 16.04
CA SER B 35 -11.86 -7.41 14.66
C SER B 35 -10.53 -7.68 13.96
N ARG B 36 -10.62 -7.98 12.68
CA ARG B 36 -9.48 -7.92 11.72
C ARG B 36 -9.18 -6.45 11.46
N ALA B 37 -7.91 -6.10 11.46
CA ALA B 37 -7.44 -4.71 11.40
C ALA B 37 -7.84 -4.09 10.06
N ASP B 38 -7.96 -4.92 9.04
CA ASP B 38 -8.35 -4.54 7.65
C ASP B 38 -9.87 -4.37 7.54
N ASP B 39 -10.62 -4.76 8.57
CA ASP B 39 -12.10 -4.59 8.58
C ASP B 39 -12.40 -3.29 9.31
N GLU B 40 -12.23 -2.17 8.63
CA GLU B 40 -12.15 -0.84 9.29
C GLU B 40 -13.45 -0.56 10.05
N SER B 41 -14.61 -0.91 9.49
CA SER B 41 -15.92 -0.69 10.16
CA SER B 41 -15.90 -0.66 10.19
C SER B 41 -15.96 -1.51 11.46
N ALA B 42 -15.54 -2.77 11.43
CA ALA B 42 -15.50 -3.64 12.64
C ALA B 42 -14.48 -3.11 13.68
N VAL B 43 -13.37 -2.54 13.22
CA VAL B 43 -12.36 -1.96 14.13
C VAL B 43 -12.95 -0.74 14.85
N GLU B 44 -13.66 0.12 14.11
CA GLU B 44 -14.23 1.37 14.66
C GLU B 44 -15.29 1.00 15.69
N ARG B 45 -16.06 -0.06 15.42
CA ARG B 45 -17.07 -0.59 16.38
C ARG B 45 -16.37 -1.07 17.65
N GLU B 46 -15.33 -1.89 17.51
CA GLU B 46 -14.63 -2.49 18.67
C GLU B 46 -14.00 -1.38 19.52
N ILE B 47 -13.33 -0.40 18.92
CA ILE B 47 -12.62 0.68 19.68
C ILE B 47 -13.67 1.53 20.41
N SER B 48 -14.75 1.91 19.72
CA SER B 48 -15.85 2.72 20.28
C SER B 48 -16.59 1.93 21.38
N GLU B 49 -16.68 0.59 21.28
CA GLU B 49 -17.26 -0.32 22.33
C GLU B 49 -16.29 -0.42 23.52
N ILE B 50 -15.08 -0.94 23.29
CA ILE B 50 -14.09 -1.31 24.36
C ILE B 50 -13.63 -0.05 25.10
N LYS B 51 -13.51 1.07 24.39
CA LYS B 51 -12.93 2.35 24.87
C LYS B 51 -11.60 2.11 25.59
N PRO B 52 -10.63 1.43 24.93
CA PRO B 52 -9.37 1.09 25.57
C PRO B 52 -8.60 2.38 25.85
N ASP B 53 -7.75 2.32 26.88
CA ASP B 53 -6.79 3.40 27.20
C ASP B 53 -5.67 3.40 26.17
N ARG B 54 -5.29 2.22 25.70
CA ARG B 54 -4.16 2.08 24.74
C ARG B 54 -4.48 0.97 23.75
N VAL B 55 -4.07 1.13 22.49
CA VAL B 55 -4.20 0.06 21.47
C VAL B 55 -2.79 -0.28 21.01
N MET B 56 -2.54 -1.55 20.73
CA MET B 56 -1.22 -2.04 20.21
CA MET B 56 -1.24 -1.94 20.13
C MET B 56 -1.45 -2.92 18.99
N SER B 57 -0.59 -2.82 17.99
CA SER B 57 -0.59 -3.67 16.79
C SER B 57 0.66 -4.57 16.71
N PHE B 58 0.47 -5.88 16.79
CA PHE B 58 1.53 -6.91 16.56
C PHE B 58 1.11 -7.78 15.37
N ILE B 59 0.58 -7.13 14.33
CA ILE B 59 0.05 -7.84 13.14
C ILE B 59 1.03 -7.76 11.96
N GLY B 60 0.96 -8.75 11.10
CA GLY B 60 1.68 -8.78 9.83
C GLY B 60 1.49 -10.10 9.14
N ARG B 61 1.96 -10.19 7.91
CA ARG B 61 2.04 -11.46 7.17
C ARG B 61 3.49 -11.65 6.76
N THR B 62 4.15 -12.64 7.35
CA THR B 62 5.62 -12.80 7.31
C THR B 62 6.04 -14.24 7.05
N HIS B 63 5.07 -15.13 6.91
CA HIS B 63 5.28 -16.57 6.70
C HIS B 63 3.91 -17.16 6.34
N GLY B 64 3.90 -18.36 5.80
CA GLY B 64 2.63 -19.07 5.60
C GLY B 64 2.88 -20.52 5.22
N PRO B 65 1.80 -21.24 4.83
CA PRO B 65 1.93 -22.61 4.36
C PRO B 65 3.08 -22.75 3.36
N GLY B 66 4.06 -23.61 3.68
CA GLY B 66 5.17 -23.97 2.78
C GLY B 66 6.37 -23.03 2.88
N TYR B 67 6.27 -21.92 3.61
CA TYR B 67 7.30 -20.85 3.66
C TYR B 67 7.36 -20.22 5.05
N SER B 68 8.35 -20.61 5.87
CA SER B 68 8.47 -20.16 7.28
C SER B 68 9.11 -18.76 7.32
N THR B 69 9.32 -18.12 6.17
CA THR B 69 9.95 -16.78 6.06
C THR B 69 9.13 -15.83 5.19
N ILE B 70 9.53 -14.55 5.13
CA ILE B 70 8.90 -13.57 4.21
C ILE B 70 8.95 -14.02 2.75
N ASP B 71 9.71 -15.07 2.39
CA ASP B 71 9.66 -15.63 1.01
C ASP B 71 8.22 -16.02 0.63
N TYR B 72 7.37 -16.31 1.60
CA TYR B 72 5.94 -16.64 1.40
C TYR B 72 5.26 -15.57 0.54
N LEU B 73 5.62 -14.29 0.73
CA LEU B 73 4.88 -13.19 0.07
C LEU B 73 5.32 -13.03 -1.38
N GLU B 74 6.30 -13.79 -1.84
CA GLU B 74 6.80 -13.63 -3.23
C GLU B 74 5.99 -14.50 -4.22
N GLN B 75 5.18 -15.43 -3.72
CA GLN B 75 4.27 -16.29 -4.55
C GLN B 75 3.20 -15.42 -5.21
N SER B 76 2.86 -15.71 -6.46
CA SER B 76 1.69 -15.10 -7.15
C SER B 76 0.44 -15.28 -6.30
N GLY B 77 -0.34 -14.21 -6.15
CA GLY B 77 -1.59 -14.23 -5.37
C GLY B 77 -1.39 -13.83 -3.93
N LYS B 78 -0.14 -13.61 -3.48
CA LYS B 78 0.04 -13.24 -2.06
CA LYS B 78 0.16 -13.26 -2.08
C LYS B 78 0.27 -11.73 -1.94
N LEU B 79 0.40 -10.97 -3.03
CA LEU B 79 0.48 -9.49 -2.83
C LEU B 79 -0.72 -9.02 -2.01
N VAL B 80 -1.94 -9.49 -2.32
CA VAL B 80 -3.15 -9.03 -1.58
C VAL B 80 -2.99 -9.24 -0.06
N GLU B 81 -2.46 -10.39 0.39
CA GLU B 81 -2.23 -10.65 1.83
C GLU B 81 -1.16 -9.68 2.38
N ASN B 82 -0.12 -9.45 1.59
CA ASN B 82 0.99 -8.54 1.92
C ASN B 82 0.42 -7.15 2.21
N VAL B 83 -0.26 -6.56 1.22
CA VAL B 83 -0.77 -5.18 1.44
C VAL B 83 -1.81 -5.21 2.56
N LYS B 84 -2.72 -6.18 2.58
CA LYS B 84 -3.82 -6.19 3.57
C LYS B 84 -3.21 -6.14 5.00
N ASP B 85 -2.25 -7.00 5.30
CA ASP B 85 -1.81 -7.26 6.70
C ASP B 85 -0.61 -6.38 7.06
N ASN B 86 0.20 -6.02 6.06
CA ASN B 86 1.47 -5.29 6.29
C ASN B 86 1.33 -3.79 6.03
N LEU B 87 0.22 -3.33 5.45
CA LEU B 87 0.00 -1.90 5.22
C LEU B 87 -1.44 -1.47 5.57
N TYR B 88 -2.44 -2.04 4.92
CA TYR B 88 -3.81 -1.48 5.05
C TYR B 88 -4.33 -1.64 6.47
N GLY B 89 -4.22 -2.84 7.05
CA GLY B 89 -4.68 -3.05 8.43
C GLY B 89 -4.03 -2.05 9.40
N PRO B 90 -2.68 -1.91 9.40
CA PRO B 90 -2.05 -0.90 10.25
C PRO B 90 -2.53 0.53 10.01
N LEU B 91 -2.82 0.91 8.76
CA LEU B 91 -3.31 2.26 8.46
C LEU B 91 -4.73 2.42 9.02
N CYS B 92 -5.53 1.37 8.97
CA CYS B 92 -6.92 1.41 9.53
C CYS B 92 -6.81 1.73 11.02
N LEU B 93 -5.88 1.07 11.70
CA LEU B 93 -5.68 1.28 13.16
C LEU B 93 -5.18 2.71 13.40
N ALA B 94 -4.26 3.22 12.61
CA ALA B 94 -3.77 4.61 12.75
C ALA B 94 -4.96 5.58 12.58
N PHE B 95 -5.74 5.48 11.52
CA PHE B 95 -6.85 6.44 11.25
C PHE B 95 -7.87 6.43 12.40
N ILE B 96 -8.27 5.25 12.80
CA ILE B 96 -9.36 5.10 13.81
C ILE B 96 -8.88 5.50 15.20
N CYS B 97 -7.71 5.03 15.61
CA CYS B 97 -7.17 5.44 16.91
C CYS B 97 -6.99 6.96 16.93
N GLN B 98 -6.55 7.57 15.84
CA GLN B 98 -6.38 9.04 15.79
C GLN B 98 -7.75 9.71 15.99
N LYS B 99 -8.77 9.19 15.31
CA LYS B 99 -10.12 9.78 15.40
C LYS B 99 -10.60 9.78 16.86
N TYR B 100 -10.36 8.68 17.59
CA TYR B 100 -10.79 8.50 19.00
C TYR B 100 -9.76 9.05 19.99
N ASN B 101 -8.69 9.70 19.50
CA ASN B 101 -7.59 10.26 20.34
CA ASN B 101 -7.62 10.28 20.36
C ASN B 101 -7.14 9.20 21.36
N ILE B 102 -7.02 7.94 20.90
CA ILE B 102 -6.46 6.82 21.69
C ILE B 102 -5.05 6.50 21.18
N HIS B 103 -4.08 6.40 22.09
CA HIS B 103 -2.66 6.10 21.72
C HIS B 103 -2.59 4.77 20.99
N LEU B 104 -1.83 4.69 19.90
CA LEU B 104 -1.56 3.43 19.17
C LEU B 104 -0.06 3.20 19.12
N THR B 105 0.35 2.00 19.52
CA THR B 105 1.72 1.50 19.33
C THR B 105 1.65 0.53 18.15
N TYR B 106 2.37 0.85 17.08
CA TYR B 106 2.52 0.00 15.87
C TYR B 106 3.92 -0.62 15.91
N LEU B 107 3.99 -1.93 15.98
CA LEU B 107 5.28 -2.66 15.86
C LEU B 107 5.60 -2.85 14.39
N GLY B 108 6.50 -1.98 13.91
CA GLY B 108 6.99 -1.99 12.53
C GLY B 108 8.28 -2.77 12.37
N THR B 109 9.08 -2.35 11.40
CA THR B 109 10.31 -3.07 11.06
C THR B 109 11.35 -2.08 10.59
N GLY B 110 12.59 -2.39 10.94
CA GLY B 110 13.74 -1.68 10.37
C GLY B 110 14.30 -2.37 9.18
N CYS B 111 13.63 -3.40 8.64
CA CYS B 111 14.14 -4.13 7.45
C CYS B 111 13.77 -3.36 6.17
N ILE B 112 13.93 -2.04 6.18
CA ILE B 112 13.52 -1.14 5.07
C ILE B 112 14.77 -0.40 4.59
N PHE B 113 15.91 -0.73 5.19
CA PHE B 113 17.20 -0.07 4.84
C PHE B 113 18.29 -1.12 4.64
N GLU B 114 19.26 -0.73 3.83
CA GLU B 114 20.49 -1.52 3.54
CA GLU B 114 20.49 -1.52 3.60
C GLU B 114 21.72 -0.64 3.70
N GLY B 115 22.68 -1.10 4.50
CA GLY B 115 23.98 -0.43 4.58
C GLY B 115 24.30 0.15 5.95
N GLN B 116 25.41 0.89 6.01
CA GLN B 116 25.92 1.57 7.22
C GLN B 116 26.38 0.56 8.28
N ASN B 117 26.64 -0.69 7.86
CA ASN B 117 27.01 -1.83 8.74
C ASN B 117 28.39 -2.35 8.31
N ASN B 118 29.24 -1.46 7.77
CA ASN B 118 30.59 -1.83 7.25
C ASN B 118 31.69 -1.29 8.18
N PHE B 119 31.33 -0.64 9.29
CA PHE B 119 32.25 -0.11 10.33
C PHE B 119 32.99 1.12 9.82
N SER B 120 32.43 1.79 8.82
CA SER B 120 33.01 3.05 8.31
C SER B 120 32.74 4.13 9.35
N ALA B 121 33.75 4.93 9.69
CA ALA B 121 33.67 5.88 10.82
C ALA B 121 32.64 6.99 10.55
N ASP B 122 32.28 7.27 9.29
CA ASP B 122 31.39 8.39 8.94
C ASP B 122 29.93 7.93 8.86
N GLU B 123 29.61 6.69 9.23
CA GLU B 123 28.23 6.18 9.02
C GLU B 123 27.71 5.76 10.36
N LYS B 124 26.72 6.46 10.85
CA LYS B 124 26.21 6.24 12.22
C LYS B 124 24.86 5.53 12.17
N GLY B 125 24.37 5.20 10.97
CA GLY B 125 23.19 4.32 10.86
C GLY B 125 21.98 5.08 10.36
N PHE B 126 20.98 4.37 9.89
CA PHE B 126 19.75 4.94 9.36
C PHE B 126 18.98 5.58 10.50
N THR B 127 18.47 6.78 10.29
CA THR B 127 17.69 7.51 11.30
C THR B 127 16.19 7.32 11.12
N GLU B 128 15.44 7.83 12.10
CA GLU B 128 13.96 7.76 12.05
C GLU B 128 13.43 8.52 10.83
N ASN B 129 14.09 9.64 10.48
CA ASN B 129 13.65 10.48 9.33
C ASN B 129 14.05 9.93 7.96
N ASP B 130 14.97 8.96 7.92
CA ASP B 130 15.50 8.42 6.65
C ASP B 130 14.38 7.66 5.93
N LYS B 131 14.36 7.81 4.61
CA LYS B 131 13.42 7.04 3.75
C LYS B 131 14.00 5.66 3.48
N PRO B 132 13.13 4.67 3.20
CA PRO B 132 13.59 3.34 2.86
C PRO B 132 14.55 3.38 1.69
N ASN B 133 15.56 2.52 1.78
CA ASN B 133 16.48 2.38 0.62
C ASN B 133 16.72 0.92 0.31
N PHE B 134 15.97 0.01 0.92
CA PHE B 134 16.03 -1.44 0.62
C PHE B 134 14.71 -1.90 0.01
N PHE B 135 14.78 -2.50 -1.18
CA PHE B 135 13.57 -2.86 -1.98
C PHE B 135 13.70 -4.31 -2.42
N GLY B 136 14.51 -5.12 -1.75
CA GLY B 136 14.85 -6.41 -2.34
C GLY B 136 13.94 -7.56 -1.96
N SER B 137 12.94 -7.35 -1.09
CA SER B 137 11.83 -8.30 -0.84
C SER B 137 10.50 -7.53 -0.94
N SER B 138 9.43 -8.23 -1.26
CA SER B 138 8.07 -7.68 -1.36
C SER B 138 7.62 -7.25 0.04
N TYR B 139 8.07 -7.98 1.06
CA TYR B 139 7.84 -7.63 2.48
C TYR B 139 8.42 -6.23 2.74
N SER B 140 9.71 -6.05 2.44
CA SER B 140 10.44 -4.81 2.75
C SER B 140 9.84 -3.67 1.97
N VAL B 141 9.43 -3.91 0.73
CA VAL B 141 8.87 -2.83 -0.11
C VAL B 141 7.57 -2.32 0.51
N VAL B 142 6.66 -3.23 0.87
CA VAL B 142 5.36 -2.82 1.46
C VAL B 142 5.59 -2.16 2.83
N LYS B 143 6.42 -2.76 3.66
CA LYS B 143 6.67 -2.29 5.05
C LYS B 143 7.34 -0.93 5.02
N GLY B 144 8.15 -0.68 3.99
CA GLY B 144 8.77 0.63 3.82
C GLY B 144 7.70 1.69 3.62
N PHE B 145 6.73 1.42 2.76
CA PHE B 145 5.62 2.38 2.56
C PHE B 145 4.81 2.50 3.84
N THR B 146 4.56 1.44 4.58
CA THR B 146 3.80 1.57 5.84
C THR B 146 4.57 2.51 6.77
N ASP B 147 5.89 2.31 6.85
CA ASP B 147 6.74 3.16 7.70
C ASP B 147 6.59 4.63 7.32
N ARG B 148 6.67 4.94 6.02
CA ARG B 148 6.52 6.35 5.54
C ARG B 148 5.13 6.84 5.94
N LEU B 149 4.11 6.02 5.76
CA LEU B 149 2.70 6.46 6.02
C LEU B 149 2.53 6.75 7.52
N MET B 150 3.26 6.04 8.37
CA MET B 150 3.12 6.20 9.84
C MET B 150 3.66 7.58 10.24
N HIS B 151 4.52 8.18 9.41
CA HIS B 151 5.09 9.53 9.69
C HIS B 151 3.98 10.60 9.56
N PHE B 152 2.86 10.31 8.88
CA PHE B 152 1.73 11.28 8.82
C PHE B 152 0.91 11.24 10.11
N PHE B 153 1.26 10.34 11.05
CA PHE B 153 0.57 10.19 12.36
C PHE B 153 1.61 10.42 13.48
N ASP B 154 2.52 11.36 13.30
CA ASP B 154 3.70 11.49 14.19
C ASP B 154 3.27 11.91 15.59
N ASN B 155 2.14 12.59 15.75
CA ASN B 155 1.63 13.00 17.08
C ASN B 155 0.68 11.98 17.68
N ASP B 156 0.35 10.88 17.01
CA ASP B 156 -0.75 9.97 17.45
C ASP B 156 -0.36 8.51 17.49
N VAL B 157 0.69 8.11 16.76
CA VAL B 157 1.10 6.68 16.67
C VAL B 157 2.59 6.59 17.03
N LEU B 158 2.90 5.59 17.82
CA LEU B 158 4.27 5.13 18.13
C LEU B 158 4.61 4.03 17.14
N ASN B 159 5.54 4.32 16.25
CA ASN B 159 6.01 3.43 15.16
C ASN B 159 7.41 2.92 15.55
N LEU B 160 7.48 1.67 15.96
CA LEU B 160 8.74 1.07 16.47
C LEU B 160 9.34 0.14 15.43
N ARG B 161 10.53 0.46 14.94
CA ARG B 161 11.23 -0.40 13.98
C ARG B 161 12.09 -1.46 14.64
N ILE B 162 11.58 -2.70 14.75
CA ILE B 162 12.41 -3.81 15.29
C ILE B 162 13.06 -4.52 14.11
N ARG B 163 14.11 -5.26 14.37
CA ARG B 163 14.71 -6.16 13.36
C ARG B 163 15.11 -7.47 14.00
N MET B 164 15.05 -8.56 13.25
CA MET B 164 15.67 -9.84 13.63
C MET B 164 15.42 -10.14 15.10
N PRO B 165 14.14 -10.13 15.56
CA PRO B 165 13.82 -10.33 16.97
C PRO B 165 14.31 -11.65 17.55
N ILE B 166 14.81 -11.51 18.78
CA ILE B 166 15.45 -12.59 19.58
C ILE B 166 14.69 -12.71 20.89
N THR B 167 14.41 -13.96 21.27
CA THR B 167 13.87 -14.26 22.61
C THR B 167 14.80 -15.23 23.34
N ILE B 168 14.83 -15.12 24.68
CA ILE B 168 15.55 -16.11 25.53
C ILE B 168 14.93 -17.48 25.23
N GLU B 169 13.61 -17.52 25.24
CA GLU B 169 12.79 -18.74 24.98
C GLU B 169 12.91 -19.10 23.50
N GLN B 170 13.41 -20.29 23.19
CA GLN B 170 13.49 -20.81 21.80
C GLN B 170 12.09 -20.82 21.17
N ASN B 171 11.99 -20.45 19.88
CA ASN B 171 10.72 -20.35 19.12
C ASN B 171 11.10 -20.33 17.65
N PRO B 172 10.27 -20.92 16.75
CA PRO B 172 10.61 -20.93 15.33
C PRO B 172 10.76 -19.51 14.75
N ARG B 173 10.13 -18.50 15.38
CA ARG B 173 10.16 -17.09 14.91
C ARG B 173 11.45 -16.38 15.37
N SER B 174 12.13 -16.92 16.39
CA SER B 174 13.28 -16.26 17.06
C SER B 174 14.52 -16.36 16.18
N PHE B 175 15.22 -15.25 16.03
CA PHE B 175 16.39 -15.18 15.13
C PHE B 175 17.41 -16.26 15.51
N ILE B 176 17.70 -16.46 16.80
CA ILE B 176 18.73 -17.42 17.30
C ILE B 176 18.28 -18.84 16.95
N THR B 177 17.04 -19.22 17.29
CA THR B 177 16.49 -20.54 16.90
C THR B 177 16.70 -20.72 15.39
N LYS B 178 16.38 -19.70 14.60
CA LYS B 178 16.39 -19.77 13.12
C LYS B 178 17.82 -20.03 12.61
N ILE B 179 18.81 -19.27 13.09
CA ILE B 179 20.20 -19.42 12.56
C ILE B 179 20.79 -20.74 13.08
N LEU B 180 20.37 -21.22 14.26
CA LEU B 180 20.76 -22.58 14.72
C LEU B 180 20.21 -23.61 13.74
N SER B 181 19.05 -23.34 13.11
CA SER B 181 18.31 -24.31 12.25
C SER B 181 18.88 -24.33 10.83
N TYR B 182 19.58 -23.27 10.40
CA TYR B 182 20.05 -23.08 9.00
C TYR B 182 21.38 -23.81 8.81
N SER B 183 21.46 -24.70 7.80
CA SER B 183 22.66 -25.50 7.43
C SER B 183 23.80 -24.53 7.14
N ARG B 184 23.45 -23.45 6.46
CA ARG B 184 24.43 -22.43 6.00
C ARG B 184 24.00 -21.06 6.51
N ILE B 185 24.98 -20.30 7.00
CA ILE B 185 24.82 -18.95 7.62
C ILE B 185 25.50 -17.90 6.72
N CYS B 186 24.72 -16.93 6.22
CA CYS B 186 25.22 -15.64 5.64
C CYS B 186 25.47 -14.67 6.82
N SER B 187 26.71 -14.61 7.31
CA SER B 187 27.12 -13.81 8.49
C SER B 187 27.38 -12.36 8.09
N ILE B 188 26.57 -11.44 8.61
CA ILE B 188 26.67 -9.99 8.28
C ILE B 188 26.31 -9.24 9.56
N PRO B 189 27.12 -8.23 9.95
CA PRO B 189 26.77 -7.39 11.09
C PRO B 189 25.43 -6.66 10.92
N ASN B 190 24.59 -6.68 11.97
CA ASN B 190 23.22 -6.16 11.88
C ASN B 190 22.74 -5.58 13.20
N SER B 191 21.87 -4.60 13.11
CA SER B 191 21.06 -4.14 14.25
C SER B 191 19.97 -5.19 14.51
N MET B 192 19.77 -5.58 15.77
CA MET B 192 18.81 -6.64 16.17
C MET B 192 18.10 -6.24 17.47
N THR B 193 16.93 -6.85 17.70
CA THR B 193 16.00 -6.49 18.79
C THR B 193 15.89 -7.67 19.74
N ILE B 194 16.36 -7.52 20.96
CA ILE B 194 16.14 -8.54 22.00
C ILE B 194 14.83 -8.25 22.71
N LEU B 195 13.79 -9.03 22.40
CA LEU B 195 12.41 -8.71 22.83
C LEU B 195 12.29 -8.77 24.35
N ASP B 196 13.06 -9.63 25.03
CA ASP B 196 12.99 -9.71 26.52
C ASP B 196 13.41 -8.39 27.15
N GLN B 197 14.30 -7.63 26.49
CA GLN B 197 14.82 -6.35 27.01
C GLN B 197 14.03 -5.17 26.46
N MET B 198 13.50 -5.30 25.23
CA MET B 198 12.93 -4.15 24.49
CA MET B 198 12.91 -4.17 24.46
C MET B 198 11.40 -4.06 24.72
N ILE B 199 10.71 -5.16 24.97
CA ILE B 199 9.25 -5.07 25.24
C ILE B 199 8.99 -4.20 26.47
N PRO B 200 9.69 -4.33 27.60
CA PRO B 200 9.38 -3.46 28.74
C PRO B 200 9.57 -1.97 28.44
N VAL B 201 10.52 -1.61 27.55
CA VAL B 201 10.70 -0.22 27.10
C VAL B 201 9.48 0.19 26.27
N MET B 202 9.03 -0.69 25.39
CA MET B 202 7.89 -0.39 24.51
C MET B 202 6.65 -0.10 25.39
N ILE B 203 6.43 -0.94 26.39
CA ILE B 203 5.26 -0.73 27.28
C ILE B 203 5.37 0.60 28.03
N ASP B 204 6.54 0.93 28.56
CA ASP B 204 6.76 2.24 29.23
C ASP B 204 6.40 3.37 28.25
N MET B 205 6.89 3.32 27.02
CA MET B 205 6.62 4.37 26.03
C MET B 205 5.13 4.54 25.81
N ALA B 206 4.42 3.43 25.71
CA ALA B 206 2.97 3.45 25.45
C ALA B 206 2.29 4.02 26.71
N ARG B 207 2.79 3.69 27.90
CA ARG B 207 2.17 4.27 29.13
C ARG B 207 2.34 5.79 29.12
N ASN B 208 3.49 6.29 28.67
CA ASN B 208 3.80 7.73 28.65
C ASN B 208 3.16 8.42 27.43
N LYS B 209 2.53 7.65 26.53
CA LYS B 209 1.92 8.12 25.26
C LYS B 209 2.96 8.74 24.35
N THR B 210 4.19 8.25 24.44
CA THR B 210 5.28 8.68 23.53
C THR B 210 4.83 8.33 22.11
N THR B 211 4.98 9.23 21.17
CA THR B 211 4.56 8.96 19.78
C THR B 211 5.76 9.25 18.87
N GLY B 212 5.59 8.99 17.58
CA GLY B 212 6.68 9.20 16.61
C GLY B 212 7.28 7.89 16.18
N THR B 213 8.26 7.97 15.31
CA THR B 213 9.01 6.78 14.89
C THR B 213 10.26 6.64 15.76
N PHE B 214 10.60 5.42 16.12
CA PHE B 214 11.85 5.10 16.85
C PHE B 214 12.47 3.88 16.21
N ASN B 215 13.75 3.95 15.86
CA ASN B 215 14.59 2.74 15.71
C ASN B 215 14.59 1.96 17.03
N PHE B 216 14.30 0.67 16.98
CA PHE B 216 13.95 -0.12 18.18
C PHE B 216 14.73 -1.42 18.17
N THR B 217 16.02 -1.31 17.93
CA THR B 217 17.01 -2.36 18.11
C THR B 217 17.89 -2.00 19.31
N ASN B 218 18.47 -3.02 19.92
CA ASN B 218 19.53 -2.80 20.92
C ASN B 218 20.67 -2.06 20.23
N PRO B 219 21.25 -1.04 20.91
CA PRO B 219 22.36 -0.30 20.29
C PRO B 219 23.50 -1.21 19.80
N GLY B 220 24.01 -0.85 18.63
CA GLY B 220 25.19 -1.51 18.08
C GLY B 220 24.89 -2.64 17.12
N LEU B 221 25.96 -3.26 16.65
CA LEU B 221 25.89 -4.38 15.69
C LEU B 221 26.36 -5.68 16.31
N VAL B 222 25.78 -6.74 15.81
CA VAL B 222 26.26 -8.13 16.08
C VAL B 222 26.10 -8.92 14.79
N SER B 223 26.97 -9.89 14.55
CA SER B 223 26.90 -10.75 13.35
C SER B 223 26.39 -12.13 13.78
N HIS B 224 25.86 -12.86 12.83
CA HIS B 224 25.41 -14.27 12.98
C HIS B 224 26.58 -15.07 13.62
N ASN B 225 27.78 -14.89 13.10
CA ASN B 225 29.00 -15.64 13.50
C ASN B 225 29.28 -15.37 14.99
N GLU B 226 29.14 -14.12 15.42
CA GLU B 226 29.41 -13.72 16.83
CA GLU B 226 29.36 -13.65 16.82
C GLU B 226 28.36 -14.33 17.78
N ILE B 227 27.08 -14.34 17.39
CA ILE B 227 26.01 -14.95 18.25
C ILE B 227 26.33 -16.45 18.42
N LEU B 228 26.52 -17.14 17.30
CA LEU B 228 26.76 -18.60 17.29
C LEU B 228 28.03 -18.89 18.10
N SER B 229 29.04 -18.02 18.04
CA SER B 229 30.31 -18.19 18.79
C SER B 229 30.01 -18.10 20.29
N LEU B 230 29.21 -17.13 20.71
CA LEU B 230 28.84 -16.93 22.13
C LEU B 230 28.02 -18.13 22.65
N ILE B 231 27.12 -18.70 21.82
CA ILE B 231 26.34 -19.91 22.18
C ILE B 231 27.35 -21.06 22.39
N ARG B 232 28.28 -21.23 21.43
CA ARG B 232 29.29 -22.33 21.51
C ARG B 232 30.05 -22.22 22.85
N ASP B 233 30.67 -21.07 23.11
CA ASP B 233 31.62 -20.89 24.22
C ASP B 233 30.91 -20.96 25.57
N ILE B 234 29.63 -20.58 25.66
CA ILE B 234 28.90 -20.53 26.96
C ILE B 234 28.08 -21.81 27.15
N HIS B 235 27.32 -22.26 26.15
CA HIS B 235 26.33 -23.35 26.30
C HIS B 235 26.76 -24.63 25.58
N LYS B 236 27.44 -24.54 24.43
CA LYS B 236 27.56 -25.74 23.56
C LYS B 236 28.92 -25.78 22.88
N PRO B 237 29.99 -26.20 23.60
CA PRO B 237 31.35 -26.16 23.07
C PRO B 237 31.55 -26.94 21.76
N ASN B 238 30.69 -27.89 21.42
CA ASN B 238 30.89 -28.70 20.17
C ASN B 238 30.07 -28.10 19.01
N LEU B 239 29.46 -26.92 19.19
CA LEU B 239 28.70 -26.24 18.11
C LEU B 239 29.63 -25.91 16.92
N THR B 240 29.21 -26.26 15.71
CA THR B 240 29.86 -25.85 14.44
C THR B 240 28.81 -25.45 13.41
N TRP B 241 29.21 -24.61 12.44
CA TRP B 241 28.33 -24.15 11.34
C TRP B 241 29.14 -23.95 10.05
N GLU B 242 28.45 -23.90 8.90
CA GLU B 242 29.02 -23.52 7.56
C GLU B 242 28.60 -22.09 7.25
N ASN B 243 29.51 -21.28 6.67
CA ASN B 243 29.23 -19.91 6.16
C ASN B 243 28.98 -19.93 4.65
N MET B 244 28.14 -19.02 4.15
CA MET B 244 27.79 -18.82 2.71
C MET B 244 27.74 -17.32 2.42
N SER B 245 27.88 -16.95 1.15
CA SER B 245 27.95 -15.53 0.69
C SER B 245 26.53 -14.96 0.57
N ARG B 246 26.45 -13.65 0.35
CA ARG B 246 25.21 -12.89 0.01
C ARG B 246 24.58 -13.48 -1.27
N GLU B 247 25.33 -13.50 -2.38
CA GLU B 247 24.83 -13.97 -3.70
C GLU B 247 24.50 -15.47 -3.63
N GLN B 248 25.27 -16.28 -2.87
CA GLN B 248 24.98 -17.73 -2.66
C GLN B 248 23.62 -17.88 -1.96
N GLN B 249 23.36 -17.03 -0.95
CA GLN B 249 22.05 -16.98 -0.24
C GLN B 249 20.94 -16.63 -1.24
N LEU B 250 21.19 -15.65 -2.11
CA LEU B 250 20.16 -15.10 -3.06
C LEU B 250 19.77 -16.21 -4.04
N ALA B 251 20.70 -17.11 -4.36
CA ALA B 251 20.46 -18.24 -5.27
C ALA B 251 19.51 -19.26 -4.63
N ILE B 252 19.39 -19.30 -3.30
CA ILE B 252 18.58 -20.35 -2.58
C ILE B 252 17.27 -19.76 -2.04
N LEU B 253 17.10 -18.44 -1.98
CA LEU B 253 15.88 -17.79 -1.42
C LEU B 253 15.05 -17.15 -2.54
N LYS B 254 13.80 -16.81 -2.25
CA LYS B 254 12.83 -16.18 -3.20
C LYS B 254 13.05 -14.67 -3.25
N ALA B 255 13.78 -14.12 -2.28
CA ALA B 255 14.07 -12.68 -2.21
C ALA B 255 15.35 -12.44 -1.40
N ASP B 256 15.90 -11.24 -1.58
CA ASP B 256 17.07 -10.76 -0.81
C ASP B 256 16.63 -10.42 0.62
N ARG B 257 17.60 -10.11 1.48
CA ARG B 257 17.32 -9.72 2.87
C ARG B 257 18.03 -8.41 3.18
N SER B 258 17.37 -7.62 4.01
CA SER B 258 17.88 -6.35 4.56
C SER B 258 19.06 -6.61 5.49
N ASN B 259 20.15 -5.85 5.34
CA ASN B 259 21.28 -5.84 6.30
C ASN B 259 21.60 -4.38 6.60
N ASN B 260 21.54 -3.97 7.86
CA ASN B 260 21.80 -2.54 8.14
C ASN B 260 22.24 -2.32 9.59
N LEU B 261 22.68 -1.10 9.85
CA LEU B 261 22.75 -0.48 11.18
C LEU B 261 21.65 0.56 11.24
N LEU B 262 20.90 0.53 12.33
CA LEU B 262 19.99 1.62 12.75
C LEU B 262 20.70 2.49 13.77
N ASN B 263 20.63 3.80 13.55
CA ASN B 263 21.02 4.83 14.55
C ASN B 263 19.98 4.83 15.68
N THR B 264 20.39 4.56 16.90
CA THR B 264 19.43 4.43 18.02
C THR B 264 19.64 5.61 19.00
N ASP B 265 20.26 6.69 18.55
CA ASP B 265 20.43 7.87 19.45
C ASP B 265 19.09 8.31 20.03
N LYS B 266 18.03 8.33 19.22
CA LYS B 266 16.73 8.84 19.70
C LYS B 266 16.26 7.97 20.85
N LEU B 267 16.25 6.65 20.70
CA LEU B 267 15.83 5.75 21.79
C LEU B 267 16.77 5.93 22.99
N GLN B 268 18.09 5.99 22.77
CA GLN B 268 19.09 6.01 23.87
C GLN B 268 18.93 7.31 24.65
N SER B 269 18.48 8.39 24.00
CA SER B 269 18.24 9.69 24.65
CA SER B 269 18.25 9.69 24.66
C SER B 269 17.15 9.53 25.70
N LEU B 270 16.10 8.76 25.39
CA LEU B 270 14.98 8.51 26.32
C LEU B 270 15.34 7.42 27.31
N TYR B 271 16.04 6.38 26.85
CA TYR B 271 16.32 5.16 27.64
C TYR B 271 17.80 4.84 27.58
N PRO B 272 18.67 5.55 28.35
CA PRO B 272 20.12 5.31 28.28
C PRO B 272 20.53 3.92 28.79
N ASP B 273 19.66 3.21 29.51
CA ASP B 273 20.03 1.90 30.14
C ASP B 273 19.73 0.72 29.22
N VAL B 274 19.19 0.90 28.01
CA VAL B 274 18.92 -0.27 27.13
C VAL B 274 20.25 -0.95 26.83
N PRO B 275 20.38 -2.26 27.04
CA PRO B 275 21.65 -2.93 26.82
C PRO B 275 22.10 -2.81 25.35
N ASP B 276 23.37 -2.55 25.13
CA ASP B 276 23.97 -2.71 23.77
C ASP B 276 23.77 -4.17 23.36
N ILE B 277 23.73 -4.45 22.05
CA ILE B 277 23.37 -5.80 21.54
C ILE B 277 24.30 -6.88 22.10
N LEU B 278 25.58 -6.59 22.30
CA LEU B 278 26.54 -7.64 22.71
C LEU B 278 26.36 -7.92 24.21
N THR B 279 26.26 -6.89 25.04
CA THR B 279 25.88 -7.04 26.46
C THR B 279 24.57 -7.85 26.52
N GLY B 280 23.55 -7.43 25.75
CA GLY B 280 22.23 -8.08 25.82
C GLY B 280 22.27 -9.50 25.32
N ILE B 281 22.99 -9.82 24.25
CA ILE B 281 23.11 -11.19 23.68
C ILE B 281 23.79 -12.09 24.74
N ARG B 282 24.79 -11.55 25.44
CA ARG B 282 25.44 -12.28 26.56
C ARG B 282 24.39 -12.64 27.62
N GLU B 283 23.56 -11.68 28.04
CA GLU B 283 22.47 -11.87 29.06
C GLU B 283 21.58 -13.01 28.53
N VAL B 284 21.08 -12.88 27.29
CA VAL B 284 20.17 -13.84 26.61
C VAL B 284 20.76 -15.24 26.64
N VAL B 285 21.96 -15.39 26.07
CA VAL B 285 22.60 -16.73 25.92
C VAL B 285 22.86 -17.34 27.31
N SER B 286 23.15 -16.52 28.32
CA SER B 286 23.38 -17.00 29.72
C SER B 286 22.09 -17.57 30.30
N LYS B 287 20.92 -17.15 29.82
CA LYS B 287 19.58 -17.53 30.36
C LYS B 287 18.96 -18.67 29.56
N MET B 288 19.62 -19.16 28.50
CA MET B 288 18.96 -19.95 27.44
C MET B 288 18.58 -21.35 27.97
PA AWU C . -5.37 -3.81 -21.63
O1A AWU C . -4.48 -4.90 -21.14
O2A AWU C . -5.02 -3.12 -22.94
O3A AWU C . -5.55 -2.50 -20.69
PB AWU C . -5.31 -2.40 -19.06
O1B AWU C . -6.06 -3.48 -18.23
O2B AWU C . -3.80 -2.17 -18.80
O3B AWU C . -6.12 -1.03 -18.83
C5' AWU C . -6.06 1.22 -15.99
O5' AWU C . -5.89 0.66 -17.29
C4' AWU C . -7.53 1.54 -15.78
O4' AWU C . -7.79 1.94 -14.42
C3' AWU C . -8.33 0.32 -16.06
O3' AWU C . -9.68 0.70 -16.15
C2' AWU C . -8.02 -0.32 -17.42
C1' AWU C . -6.57 -0.47 -17.62
N1 AWU C . -7.78 -7.52 -24.37
C2 AWU C . -8.15 -8.33 -25.42
O2 AWU C . -9.35 -8.40 -25.77
N3 AWU C . -7.16 -8.96 -26.14
C4 AWU C . -5.86 -8.92 -25.76
O4 AWU C . -5.00 -9.51 -26.51
C5 AWU C . -5.48 -8.07 -24.73
C6 AWU C . -6.46 -7.45 -23.95
C1C AWU C . -8.81 -6.79 -23.57
C2C AWU C . -8.71 -6.92 -22.06
C3C AWU C . -9.36 -5.59 -21.59
C4C AWU C . -8.97 -4.67 -22.69
C5C AWU C . -7.89 -3.65 -22.35
C6' AWU C . -5.18 2.46 -15.99
O2' AWU C . -8.41 0.60 -18.42
O2C AWU C . -9.45 -8.03 -21.65
O3C AWU C . -10.77 -5.69 -21.62
O4C AWU C . -8.45 -5.44 -23.76
O5C AWU C . -6.82 -4.41 -21.74
PA NAP D . -0.33 8.26 -18.15
O1A NAP D . -0.42 8.87 -19.53
O2A NAP D . 0.75 7.25 -17.88
O5B NAP D . -0.20 9.53 -17.21
C5B NAP D . 0.24 9.39 -15.86
C4B NAP D . 1.04 10.57 -15.35
O4B NAP D . 1.31 10.44 -13.95
C3B NAP D . 2.38 10.61 -16.09
O3B NAP D . 2.46 11.98 -16.52
C2B NAP D . 3.38 10.28 -14.99
O2B NAP D . 4.51 11.09 -15.15
C1B NAP D . 2.68 10.71 -13.70
N9A NAP D . 3.10 10.12 -12.45
C8A NAP D . 3.13 8.84 -12.12
N7A NAP D . 3.53 8.67 -10.86
C5A NAP D . 3.79 9.89 -10.37
C6A NAP D . 4.28 10.36 -9.13
N6A NAP D . 4.56 9.50 -8.18
N1A NAP D . 4.44 11.73 -9.02
C2A NAP D . 4.12 12.54 -10.03
N3A NAP D . 3.66 12.19 -11.24
C4A NAP D . 3.48 10.85 -11.41
O3 NAP D . -1.67 7.56 -17.62
PN NAP D . -3.19 8.11 -17.77
O1N NAP D . -3.83 6.93 -18.51
O2N NAP D . -3.34 9.53 -18.13
O5D NAP D . -3.69 7.88 -16.29
C5D NAP D . -3.78 8.78 -15.19
C4D NAP D . -3.89 7.92 -13.89
O4D NAP D . -5.09 8.26 -13.27
C3D NAP D . -4.01 6.45 -14.28
O3D NAP D . -3.88 5.56 -13.11
C2D NAP D . -5.39 6.65 -14.93
O2D NAP D . -6.20 5.49 -15.21
C1D NAP D . -6.12 7.54 -13.96
P2B NAP D . 5.95 10.46 -15.34
O1X NAP D . 6.08 9.99 -16.72
O2X NAP D . 6.73 11.77 -15.12
O3X NAP D . 6.29 9.37 -14.31
C1 EDO E . -23.68 15.87 -17.70
O1 EDO E . -23.68 15.27 -18.99
C2 EDO E . -24.96 16.48 -17.26
O2 EDO E . -25.87 15.64 -16.54
C1 EDO F . -17.89 -11.47 -14.28
O1 EDO F . -19.12 -12.10 -14.68
C2 EDO F . -16.80 -11.49 -15.29
O2 EDO F . -17.15 -11.25 -16.62
C1 EDO G . -20.85 -10.75 -7.45
O1 EDO G . -19.71 -11.06 -8.19
C2 EDO G . -20.67 -9.49 -6.71
O2 EDO G . -21.63 -9.27 -5.72
C1 EDO H . -16.21 -11.58 -36.55
O1 EDO H . -15.58 -10.55 -37.24
C2 EDO H . -16.98 -11.10 -35.39
O2 EDO H . -16.51 -11.58 -34.15
C1 EDO I . -9.46 -6.30 -33.69
O1 EDO I . -8.75 -7.51 -33.85
C2 EDO I . -9.95 -5.78 -35.00
O2 EDO I . -9.01 -4.90 -35.63
C1 EDO J . -15.48 -14.91 -21.74
O1 EDO J . -14.68 -16.07 -21.65
C2 EDO J . -15.29 -14.09 -22.99
O2 EDO J . -15.88 -14.57 -24.19
PA AWU K . 14.86 -15.40 7.79
O1A AWU K . 14.62 -15.63 6.34
O2A AWU K . 14.73 -16.58 8.74
O3A AWU K . 13.88 -14.36 8.56
PB AWU K . 13.01 -13.14 7.87
O1B AWU K . 13.82 -12.18 6.97
O2B AWU K . 11.69 -13.73 7.34
O3B AWU K . 12.75 -12.32 9.23
C5' AWU K . 10.31 -9.72 9.91
O5' AWU K . 11.00 -10.95 9.89
C4' AWU K . 11.11 -8.69 10.68
O4' AWU K . 10.53 -7.37 10.57
C3' AWU K . 12.50 -8.64 10.13
O3' AWU K . 13.30 -7.93 11.03
C2' AWU K . 13.15 -10.03 10.03
C1' AWU K . 12.27 -11.01 9.40
N1 AWU K . 19.77 -16.82 6.85
C2 AWU K . 20.92 -17.59 6.77
O2 AWU K . 21.97 -17.23 7.34
N3 AWU K . 20.84 -18.82 6.14
C4 AWU K . 19.71 -19.21 5.49
O4 AWU K . 19.72 -20.38 4.95
C5 AWU K . 18.56 -18.45 5.61
C6 AWU K . 18.61 -17.20 6.21
C1C AWU K . 19.80 -15.50 7.55
C2C AWU K . 19.19 -14.32 6.79
C3C AWU K . 18.74 -13.40 7.95
C4C AWU K . 18.38 -14.41 8.99
C5C AWU K . 16.90 -14.59 9.24
C6' AWU K . 8.96 -10.03 10.56
O2' AWU K . 13.32 -10.51 11.34
O2C AWU K . 20.21 -13.72 6.01
O3C AWU K . 19.83 -12.67 8.47
O4C AWU K . 18.86 -15.68 8.58
O5C AWU K . 16.29 -14.79 7.95
PA NAP L . 3.08 -13.83 13.91
O1A NAP L . 3.41 -14.82 15.00
O2A NAP L . 2.88 -14.36 12.48
O5B NAP L . 1.92 -12.94 14.53
C5B NAP L . 1.13 -12.14 13.65
C4B NAP L . -0.26 -11.99 14.20
O4B NAP L . -0.95 -10.95 13.45
C3B NAP L . -0.98 -13.32 14.01
O3B NAP L . -1.58 -13.63 15.29
C2B NAP L . -2.03 -12.97 12.96
O2B NAP L . -3.28 -13.59 13.20
C1B NAP L . -2.23 -11.47 13.15
N9A NAP L . -2.75 -10.77 11.98
C8A NAP L . -2.15 -10.71 10.78
N7A NAP L . -2.86 -9.91 9.95
C5A NAP L . -3.90 -9.48 10.66
C6A NAP L . -5.03 -8.59 10.34
N6A NAP L . -5.16 -8.07 9.10
N1A NAP L . -5.89 -8.39 11.38
C2A NAP L . -5.75 -8.95 12.59
N3A NAP L . -4.74 -9.72 12.94
C4A NAP L . -3.80 -9.99 12.00
O3 NAP L . 4.32 -12.75 13.67
PN NAP L . 5.20 -12.00 14.80
O1N NAP L . 6.58 -12.51 14.49
O2N NAP L . 4.57 -11.96 16.15
O5D NAP L . 5.18 -10.47 14.26
C5D NAP L . 4.27 -9.42 14.55
C4D NAP L . 4.25 -8.32 13.43
O4D NAP L . 4.40 -7.03 13.98
C3D NAP L . 5.29 -8.59 12.40
O3D NAP L . 4.79 -9.78 11.77
P2B NAP L . -3.88 -14.66 12.18
O1X NAP L . -5.26 -14.79 12.83
O2X NAP L . -3.91 -14.10 10.77
O3X NAP L . -3.17 -15.93 12.26
C1 EDO M . 16.15 6.30 -0.22
O1 EDO M . 15.92 5.39 -1.30
C2 EDO M . 17.44 7.06 -0.25
O2 EDO M . 18.46 6.58 0.65
C1 EDO N . 9.14 2.51 0.67
O1 EDO N . 9.43 1.20 0.39
C2 EDO N . 9.38 3.25 -0.56
O2 EDO N . 9.88 4.47 -0.51
C1 EDO O . 15.56 -15.49 -6.90
O1 EDO O . 15.84 -16.80 -6.43
C2 EDO O . 15.82 -14.45 -5.88
O2 EDO O . 16.11 -13.17 -6.43
#